data_5QK9
#
_entry.id   5QK9
#
_cell.length_a   49.333
_cell.length_b   59.839
_cell.length_c   80.492
_cell.angle_alpha   79.070
_cell.angle_beta   81.630
_cell.angle_gamma   75.640
#
_symmetry.space_group_name_H-M   'P 1'
#
loop_
_entity.id
_entity.type
_entity.pdbx_description
1 polymer 'ADP-sugar pyrophosphatase'
2 non-polymer 'MAGNESIUM ION'
3 non-polymer 7,8-dimethoxyphthalazin-1(2H)-one
4 non-polymer 1,2-ETHANEDIOL
5 non-polymer 'CHLORIDE ION'
6 water water
#
_entity_poly.entity_id   1
_entity_poly.type   'polypeptide(L)'
_entity_poly.pdbx_seq_one_letter_code
;SMESQEPTESSQNGKQYIISEELISEGKWVKLEKTTYMDPTGKTRTWESVKRTTRKEQTADGVAVIPVLQRTLHYECIVL
VKQFRPPMGGYCIEFPAGLIDDGETPEAAALRELEEETGYKGDIAECSPAVCMDPGLSNCTIHIVTVTINGDDAENARPK
PKPGDGEFVEVISLPKNDLLQRLDALVAEEHLTVDARVYSYALALKHAN
;
_entity_poly.pdbx_strand_id   A,B,C,D
#
loop_
_chem_comp.id
_chem_comp.type
_chem_comp.name
_chem_comp.formula
CL non-polymer 'CHLORIDE ION' 'Cl -1'
EDO non-polymer 1,2-ETHANEDIOL 'C2 H6 O2'
K3V non-polymer 7,8-dimethoxyphthalazin-1(2H)-one 'C10 H10 N2 O3'
MG non-polymer 'MAGNESIUM ION' 'Mg 2'
#
# COMPACT_ATOMS: atom_id res chain seq x y z
N LYS A 15 0.42 -6.20 -46.72
CA LYS A 15 -0.81 -5.94 -47.51
C LYS A 15 -1.17 -4.46 -47.54
N GLN A 16 -1.38 -3.86 -46.36
CA GLN A 16 -1.85 -2.47 -46.31
C GLN A 16 -0.73 -1.49 -46.32
N TYR A 17 -0.99 -0.32 -46.92
CA TYR A 17 0.02 0.76 -46.95
C TYR A 17 -0.62 2.11 -47.23
N ILE A 18 0.20 3.13 -47.05
CA ILE A 18 -0.17 4.54 -47.24
C ILE A 18 -0.01 4.85 -48.72
N ILE A 19 -1.02 5.50 -49.25
CA ILE A 19 -1.03 6.04 -50.65
C ILE A 19 -0.68 7.51 -50.64
N SER A 20 -1.30 8.30 -49.76
CA SER A 20 -1.06 9.73 -49.74
C SER A 20 -1.37 10.30 -48.38
N GLU A 21 -0.75 11.42 -48.04
CA GLU A 21 -1.02 12.12 -46.79
C GLU A 21 -1.21 13.62 -47.14
N GLU A 22 -2.46 14.09 -47.09
CA GLU A 22 -2.83 15.47 -47.45
C GLU A 22 -2.97 16.32 -46.23
N LEU A 23 -2.19 17.42 -46.14
CA LEU A 23 -2.31 18.31 -45.02
C LEU A 23 -3.70 18.91 -45.02
N ILE A 24 -4.39 18.86 -43.90
CA ILE A 24 -5.61 19.58 -43.71
C ILE A 24 -5.40 20.91 -42.96
N SER A 25 -4.67 20.91 -41.85
CA SER A 25 -4.47 22.10 -41.07
C SER A 25 -3.23 21.95 -40.23
N GLU A 26 -2.36 22.97 -40.18
CA GLU A 26 -1.03 22.89 -39.54
C GLU A 26 -0.97 24.05 -38.56
N GLY A 27 -0.88 23.72 -37.26
CA GLY A 27 -0.50 24.66 -36.27
C GLY A 27 0.97 24.73 -36.07
N LYS A 28 1.35 25.39 -34.98
CA LYS A 28 2.73 25.50 -34.57
C LYS A 28 3.28 24.16 -34.05
N TRP A 29 2.38 23.36 -33.46
CA TRP A 29 2.73 22.17 -32.68
C TRP A 29 2.13 20.88 -33.17
N VAL A 30 0.89 20.95 -33.67
CA VAL A 30 0.12 19.84 -34.10
C VAL A 30 -0.47 20.14 -35.48
N LYS A 31 -0.46 19.11 -36.32
CA LYS A 31 -1.14 19.13 -37.59
C LYS A 31 -2.13 17.98 -37.76
N LEU A 32 -3.17 18.24 -38.59
CA LEU A 32 -4.14 17.29 -38.96
C LEU A 32 -4.00 16.94 -40.47
N GLU A 33 -4.02 15.66 -40.80
CA GLU A 33 -3.93 15.15 -42.19
C GLU A 33 -5.06 14.23 -42.61
N LYS A 34 -5.38 14.24 -43.91
CA LYS A 34 -6.25 13.24 -44.51
C LYS A 34 -5.36 12.14 -45.10
N THR A 35 -5.49 10.92 -44.58
CA THR A 35 -4.64 9.82 -44.97
C THR A 35 -5.38 8.90 -45.92
N THR A 36 -4.78 8.58 -47.06
CA THR A 36 -5.36 7.61 -47.96
C THR A 36 -4.49 6.38 -47.92
N TYR A 37 -5.12 5.23 -47.75
CA TYR A 37 -4.42 3.97 -47.66
C TYR A 37 -5.14 2.88 -48.39
N MET A 38 -4.40 1.80 -48.59
CA MET A 38 -4.89 0.61 -49.26
C MET A 38 -5.27 -0.43 -48.23
N ASP A 39 -6.52 -0.85 -48.26
CA ASP A 39 -7.01 -1.90 -47.33
C ASP A 39 -6.63 -3.28 -47.85
N PRO A 40 -6.77 -4.31 -47.03
CA PRO A 40 -6.31 -5.62 -47.47
C PRO A 40 -7.18 -6.31 -48.55
N THR A 41 -8.40 -5.79 -48.81
CA THR A 41 -9.26 -6.24 -49.96
C THR A 41 -8.80 -5.64 -51.30
N GLY A 42 -7.92 -4.64 -51.26
CA GLY A 42 -7.42 -3.98 -52.46
C GLY A 42 -8.18 -2.69 -52.78
N LYS A 43 -9.03 -2.26 -51.85
CA LYS A 43 -9.78 -1.04 -51.88
C LYS A 43 -9.06 0.12 -51.12
N THR A 44 -9.09 1.29 -51.77
CA THR A 44 -8.69 2.61 -51.25
C THR A 44 -9.65 3.08 -50.08
N ARG A 45 -9.09 3.42 -48.90
CA ARG A 45 -9.88 4.04 -47.82
C ARG A 45 -9.17 5.28 -47.24
N THR A 46 -9.90 6.12 -46.50
CA THR A 46 -9.27 7.26 -45.82
C THR A 46 -9.40 7.22 -44.27
N TRP A 47 -8.56 8.02 -43.65
CA TRP A 47 -8.49 8.16 -42.18
C TRP A 47 -8.09 9.61 -41.89
N GLU A 48 -8.49 10.11 -40.72
CA GLU A 48 -8.03 11.39 -40.24
C GLU A 48 -6.89 11.16 -39.21
N SER A 49 -5.76 11.80 -39.45
CA SER A 49 -4.50 11.53 -38.74
C SER A 49 -3.90 12.77 -38.19
N VAL A 50 -3.44 12.65 -36.92
CA VAL A 50 -2.80 13.70 -36.22
C VAL A 50 -1.30 13.43 -36.13
N LYS A 51 -0.50 14.44 -36.33
CA LYS A 51 0.90 14.43 -36.08
C LYS A 51 1.44 15.66 -35.39
N ARG A 52 2.57 15.50 -34.68
CA ARG A 52 3.28 16.66 -34.17
C ARG A 52 4.19 17.28 -35.22
N THR A 53 4.37 18.60 -35.15
CA THR A 53 5.21 19.30 -36.12
C THR A 53 6.68 19.31 -35.74
N THR A 54 7.01 18.83 -34.52
CA THR A 54 8.30 18.93 -33.93
C THR A 54 9.20 17.68 -34.18
N ARG A 55 8.74 16.64 -34.85
CA ARG A 55 9.52 15.40 -34.92
C ARG A 55 10.46 15.53 -36.09
N LYS A 56 11.74 15.21 -35.91
CA LYS A 56 12.72 15.36 -36.99
C LYS A 56 13.40 14.02 -37.32
N GLU A 57 14.67 13.90 -36.98
CA GLU A 57 15.39 12.59 -37.05
C GLU A 57 15.32 11.71 -35.76
N GLN A 58 14.60 12.15 -34.74
CA GLN A 58 14.42 11.38 -33.52
C GLN A 58 13.69 10.07 -33.83
N THR A 59 14.04 9.02 -33.10
CA THR A 59 13.38 7.72 -33.25
C THR A 59 11.96 7.77 -32.71
N ALA A 60 11.63 8.84 -31.98
CA ALA A 60 10.32 9.08 -31.41
C ALA A 60 10.11 10.56 -31.13
N ASP A 61 8.85 10.93 -30.87
CA ASP A 61 8.55 12.26 -30.45
C ASP A 61 9.14 12.61 -29.08
N GLY A 62 9.01 11.66 -28.17
CA GLY A 62 9.29 11.94 -26.77
C GLY A 62 9.77 10.72 -25.98
N VAL A 63 9.88 10.93 -24.68
CA VAL A 63 10.15 9.86 -23.75
C VAL A 63 9.20 9.99 -22.60
N ALA A 64 8.90 8.86 -21.99
CA ALA A 64 8.28 8.88 -20.64
C ALA A 64 9.21 8.08 -19.73
N VAL A 65 9.31 8.45 -18.49
CA VAL A 65 10.30 7.89 -17.60
C VAL A 65 9.58 7.08 -16.52
N ILE A 66 9.97 5.82 -16.33
CA ILE A 66 9.50 5.06 -15.17
C ILE A 66 10.60 5.18 -14.11
N PRO A 67 10.35 5.96 -13.07
CA PRO A 67 11.44 6.25 -12.16
C PRO A 67 11.27 5.54 -10.87
N VAL A 68 12.14 4.58 -10.63
CA VAL A 68 12.00 3.70 -9.46
C VAL A 68 12.91 4.25 -8.38
N LEU A 69 12.32 4.83 -7.35
CA LEU A 69 13.03 5.44 -6.29
C LEU A 69 13.38 4.43 -5.26
N GLN A 70 14.68 4.27 -4.98
CA GLN A 70 15.17 3.14 -4.16
C GLN A 70 16.01 3.70 -3.00
N ARG A 71 15.70 3.20 -1.80
CA ARG A 71 16.17 3.83 -0.57
C ARG A 71 16.29 2.73 0.45
N THR A 72 17.38 2.74 1.21
CA THR A 72 17.54 1.67 2.20
C THR A 72 16.45 1.80 3.27
N LEU A 73 15.92 0.64 3.61
CA LEU A 73 14.83 0.44 4.63
C LEU A 73 13.58 1.21 4.24
N HIS A 74 13.42 1.40 2.93
CA HIS A 74 12.15 1.90 2.34
C HIS A 74 11.67 1.01 1.29
N TYR A 75 10.35 0.98 1.14
CA TYR A 75 9.74 0.27 0.05
C TYR A 75 10.06 1.10 -1.23
N GLU A 76 10.26 0.43 -2.36
CA GLU A 76 10.54 1.20 -3.63
C GLU A 76 9.34 2.09 -3.95
N CYS A 77 9.56 3.31 -4.47
CA CYS A 77 8.48 4.16 -4.91
C CYS A 77 8.58 4.38 -6.41
N ILE A 78 7.41 4.60 -7.02
CA ILE A 78 7.30 5.04 -8.43
C ILE A 78 7.10 6.53 -8.38
N VAL A 79 7.97 7.31 -9.02
CA VAL A 79 7.86 8.79 -8.95
C VAL A 79 6.96 9.26 -10.11
N LEU A 80 5.93 10.06 -9.80
CA LEU A 80 4.96 10.48 -10.78
C LEU A 80 4.91 12.01 -10.71
N VAL A 81 4.30 12.57 -11.71
CA VAL A 81 4.09 13.97 -11.74
C VAL A 81 2.64 14.35 -11.97
N LYS A 82 2.24 15.47 -11.39
CA LYS A 82 0.84 15.99 -11.56
C LYS A 82 0.95 17.41 -12.17
N GLN A 83 0.22 17.66 -13.27
CA GLN A 83 0.28 18.90 -13.99
C GLN A 83 -1.05 19.19 -14.58
N PHE A 84 -1.29 20.45 -14.86
CA PHE A 84 -2.47 20.81 -15.64
C PHE A 84 -2.20 20.54 -17.12
N ARG A 85 -3.16 19.93 -17.79
CA ARG A 85 -3.02 19.56 -19.18
C ARG A 85 -4.12 20.26 -19.95
N PRO A 86 -3.76 21.32 -20.68
CA PRO A 86 -4.86 22.06 -21.33
C PRO A 86 -5.80 21.22 -22.25
N PRO A 87 -5.27 20.20 -23.03
CA PRO A 87 -6.17 19.37 -23.82
C PRO A 87 -7.23 18.67 -22.99
N MET A 88 -6.92 18.39 -21.74
CA MET A 88 -7.79 17.63 -20.90
C MET A 88 -8.68 18.55 -20.10
N GLY A 89 -8.38 19.86 -20.05
CA GLY A 89 -9.11 20.79 -19.15
C GLY A 89 -8.96 20.50 -17.66
N GLY A 90 -7.82 19.93 -17.23
CA GLY A 90 -7.64 19.67 -15.81
C GLY A 90 -6.33 18.95 -15.55
N TYR A 91 -6.18 18.56 -14.31
CA TYR A 91 -4.95 17.95 -13.80
C TYR A 91 -4.84 16.47 -14.04
N CYS A 92 -3.60 16.05 -14.43
CA CYS A 92 -3.36 14.66 -14.78
C CYS A 92 -2.21 14.10 -13.99
N ILE A 93 -2.22 12.81 -13.67
CA ILE A 93 -1.05 12.19 -13.03
C ILE A 93 -0.40 11.27 -14.07
N GLU A 94 0.90 11.47 -14.31
CA GLU A 94 1.63 10.83 -15.41
C GLU A 94 3.08 10.46 -14.96
N PHE A 95 3.72 9.59 -15.75
CA PHE A 95 5.15 9.41 -15.67
C PHE A 95 5.78 10.76 -16.13
N PRO A 96 6.93 11.17 -15.52
CA PRO A 96 7.67 12.29 -16.03
C PRO A 96 8.00 12.04 -17.54
N ALA A 97 7.96 13.07 -18.35
CA ALA A 97 7.94 12.93 -19.78
C ALA A 97 8.15 14.28 -20.46
N GLY A 98 8.78 14.21 -21.68
CA GLY A 98 8.91 15.39 -22.50
C GLY A 98 9.42 14.99 -23.88
N LEU A 99 9.41 15.95 -24.81
CA LEU A 99 9.86 15.66 -26.17
C LEU A 99 11.40 15.51 -26.18
N ILE A 100 11.91 14.77 -27.16
CA ILE A 100 13.37 14.57 -27.30
C ILE A 100 13.88 15.77 -28.11
N ASP A 101 14.93 16.42 -27.63
CA ASP A 101 15.46 17.63 -28.36
C ASP A 101 16.21 17.11 -29.58
N ASP A 102 16.33 17.91 -30.63
CA ASP A 102 17.02 17.43 -31.87
C ASP A 102 18.45 16.96 -31.49
N GLY A 103 18.85 15.79 -31.94
CA GLY A 103 20.16 15.21 -31.65
C GLY A 103 20.33 14.59 -30.30
N GLU A 104 19.30 14.69 -29.45
CA GLU A 104 19.40 14.22 -28.09
C GLU A 104 19.08 12.70 -28.17
N THR A 105 19.73 11.89 -27.34
CA THR A 105 19.37 10.49 -27.32
C THR A 105 18.09 10.29 -26.43
N PRO A 106 17.35 9.18 -26.63
CA PRO A 106 16.21 8.99 -25.69
C PRO A 106 16.64 8.91 -24.25
N GLU A 107 17.70 8.19 -23.97
CA GLU A 107 18.25 8.15 -22.59
C GLU A 107 18.58 9.48 -21.95
N ALA A 108 19.29 10.31 -22.69
CA ALA A 108 19.62 11.66 -22.24
C ALA A 108 18.35 12.49 -21.99
N ALA A 109 17.43 12.42 -22.93
CA ALA A 109 16.14 13.11 -22.78
C ALA A 109 15.42 12.65 -21.53
N ALA A 110 15.40 11.35 -21.29
CA ALA A 110 14.75 10.82 -20.07
C ALA A 110 15.36 11.33 -18.80
N LEU A 111 16.67 11.23 -18.69
CA LEU A 111 17.39 11.71 -17.50
C LEU A 111 17.22 13.19 -17.34
N ARG A 112 17.20 13.90 -18.45
CA ARG A 112 17.02 15.36 -18.37
C ARG A 112 15.61 15.74 -17.89
N GLU A 113 14.58 15.19 -18.54
CA GLU A 113 13.21 15.45 -18.15
C GLU A 113 12.97 15.06 -16.69
N LEU A 114 13.45 13.88 -16.28
CA LEU A 114 13.30 13.48 -14.89
C LEU A 114 13.88 14.53 -13.92
N GLU A 115 15.09 15.00 -14.19
CA GLU A 115 15.69 15.98 -13.32
C GLU A 115 14.90 17.28 -13.39
N GLU A 116 14.46 17.69 -14.58
CA GLU A 116 13.75 18.97 -14.72
C GLU A 116 12.40 18.96 -13.98
N GLU A 117 11.70 17.83 -14.06
CA GLU A 117 10.30 17.72 -13.55
C GLU A 117 10.25 17.32 -12.09
N THR A 118 11.29 16.63 -11.63
CA THR A 118 11.30 16.09 -10.27
C THR A 118 12.45 16.52 -9.39
N GLY A 119 13.57 16.93 -9.96
CA GLY A 119 14.80 17.16 -9.17
C GLY A 119 15.68 15.93 -9.05
N TYR A 120 15.14 14.73 -9.28
CA TYR A 120 15.94 13.55 -9.15
C TYR A 120 16.93 13.32 -10.29
N LYS A 121 18.13 12.90 -9.87
CA LYS A 121 19.12 12.38 -10.79
C LYS A 121 19.10 10.86 -10.84
N GLY A 122 18.71 10.29 -11.96
CA GLY A 122 18.52 8.92 -12.05
C GLY A 122 19.68 8.23 -12.69
N ASP A 123 19.63 6.90 -12.72
CA ASP A 123 20.56 6.03 -13.56
C ASP A 123 19.75 5.26 -14.52
N ILE A 124 20.13 5.20 -15.78
CA ILE A 124 19.44 4.39 -16.72
C ILE A 124 19.43 2.91 -16.34
N ALA A 125 18.25 2.32 -16.41
CA ALA A 125 18.06 0.85 -16.37
C ALA A 125 17.82 0.18 -17.67
N GLU A 126 16.81 0.65 -18.42
CA GLU A 126 16.42 0.08 -19.72
C GLU A 126 15.67 1.12 -20.54
N CYS A 127 15.65 0.86 -21.83
CA CYS A 127 15.03 1.78 -22.80
C CYS A 127 14.25 1.01 -23.79
N SER A 128 12.95 1.27 -23.96
CA SER A 128 12.15 0.53 -24.88
C SER A 128 12.45 0.92 -26.33
N PRO A 129 12.00 0.13 -27.27
CA PRO A 129 11.82 0.70 -28.62
C PRO A 129 10.70 1.76 -28.63
N ALA A 130 10.63 2.50 -29.73
CA ALA A 130 9.57 3.44 -29.91
C ALA A 130 8.20 2.74 -29.89
N VAL A 131 7.31 3.27 -29.04
CA VAL A 131 5.97 2.71 -28.79
C VAL A 131 4.96 3.77 -29.07
N CYS A 132 3.75 3.36 -29.49
CA CYS A 132 2.76 4.33 -30.01
C CYS A 132 1.82 4.76 -28.92
N MET A 133 1.54 6.04 -28.91
CA MET A 133 0.72 6.66 -27.89
C MET A 133 -0.78 6.41 -28.10
N ASP A 134 -1.27 6.42 -29.34
CA ASP A 134 -2.74 6.36 -29.57
C ASP A 134 -2.84 6.20 -31.08
N PRO A 135 -2.61 4.97 -31.56
CA PRO A 135 -2.23 4.80 -32.97
C PRO A 135 -3.44 4.84 -33.93
N GLY A 136 -4.67 4.75 -33.43
CA GLY A 136 -5.90 5.03 -34.22
C GLY A 136 -6.12 6.53 -34.45
N LEU A 137 -5.38 7.36 -33.73
CA LEU A 137 -5.43 8.85 -33.83
C LEU A 137 -4.22 9.55 -34.44
N SER A 138 -3.04 9.27 -33.91
CA SER A 138 -1.81 9.95 -34.18
C SER A 138 -0.68 9.02 -34.47
N ASN A 139 0.38 9.62 -34.99
CA ASN A 139 1.61 8.85 -35.23
C ASN A 139 2.55 9.02 -34.04
N CYS A 140 2.12 9.57 -32.93
CA CYS A 140 3.02 9.93 -31.85
C CYS A 140 3.58 8.69 -31.19
N THR A 141 4.89 8.75 -30.94
CA THR A 141 5.61 7.68 -30.32
C THR A 141 6.50 8.26 -29.21
N ILE A 142 6.80 7.37 -28.24
CA ILE A 142 7.78 7.61 -27.23
C ILE A 142 8.68 6.44 -27.02
N HIS A 143 9.84 6.68 -26.40
CA HIS A 143 10.57 5.58 -25.69
C HIS A 143 10.18 5.63 -24.22
N ILE A 144 9.87 4.48 -23.66
CA ILE A 144 9.65 4.37 -22.24
C ILE A 144 11.01 3.98 -21.64
N VAL A 145 11.51 4.83 -20.80
CA VAL A 145 12.87 4.67 -20.19
C VAL A 145 12.77 4.40 -18.72
N THR A 146 13.16 3.19 -18.31
CA THR A 146 13.16 2.83 -16.87
C THR A 146 14.46 3.38 -16.30
N VAL A 147 14.38 4.08 -15.18
CA VAL A 147 15.50 4.66 -14.49
C VAL A 147 15.38 4.36 -13.01
N THR A 148 16.46 4.01 -12.34
CA THR A 148 16.48 3.91 -10.88
C THR A 148 17.01 5.17 -10.26
N ILE A 149 16.52 5.59 -9.10
CA ILE A 149 16.96 6.74 -8.44
C ILE A 149 17.54 6.22 -7.12
N ASN A 150 18.84 6.49 -6.88
CA ASN A 150 19.43 6.12 -5.58
C ASN A 150 19.06 7.26 -4.63
N GLY A 151 17.99 7.02 -3.85
CA GLY A 151 17.54 8.01 -2.91
C GLY A 151 18.42 8.11 -1.67
N ASP A 152 19.38 7.22 -1.50
CA ASP A 152 20.35 7.42 -0.38
C ASP A 152 21.44 8.46 -0.80
N ASP A 153 21.55 8.79 -2.09
CA ASP A 153 22.63 9.67 -2.55
C ASP A 153 22.32 11.08 -2.16
N ALA A 154 23.34 11.82 -1.72
CA ALA A 154 23.14 13.22 -1.30
C ALA A 154 22.47 14.12 -2.39
N GLU A 155 22.81 13.80 -3.66
CA GLU A 155 22.22 14.46 -4.86
C GLU A 155 20.67 14.49 -4.77
N ASN A 156 20.09 13.40 -4.26
CA ASN A 156 18.69 13.13 -4.34
C ASN A 156 18.00 13.29 -3.02
N ALA A 157 18.63 14.10 -2.13
CA ALA A 157 18.20 14.24 -0.74
C ALA A 157 17.06 15.23 -0.70
N ARG A 158 17.33 16.46 -1.12
CA ARG A 158 16.28 17.50 -1.23
C ARG A 158 16.22 17.89 -2.73
N PRO A 159 15.53 17.09 -3.57
CA PRO A 159 15.43 17.36 -5.00
C PRO A 159 14.44 18.52 -5.27
N LYS A 160 14.87 19.56 -5.99
CA LYS A 160 13.96 20.65 -6.44
C LYS A 160 13.78 20.57 -7.97
N PRO A 161 12.53 20.55 -8.48
CA PRO A 161 12.37 20.65 -9.95
C PRO A 161 13.11 21.87 -10.56
N LYS A 162 13.70 21.72 -11.76
CA LYS A 162 14.15 22.86 -12.61
C LYS A 162 13.16 23.01 -13.77
N PRO A 163 11.92 23.45 -13.47
CA PRO A 163 10.89 23.42 -14.52
C PRO A 163 11.12 24.53 -15.56
N GLY A 164 10.73 24.28 -16.82
CA GLY A 164 10.93 25.25 -17.92
C GLY A 164 9.99 26.44 -17.82
N ASP A 165 9.99 27.30 -18.83
CA ASP A 165 9.00 28.38 -18.87
C ASP A 165 7.61 27.75 -19.09
N GLY A 166 6.60 28.18 -18.32
CA GLY A 166 5.23 27.66 -18.48
C GLY A 166 5.01 26.22 -17.98
N GLU A 167 6.03 25.68 -17.29
CA GLU A 167 6.03 24.32 -16.77
C GLU A 167 5.79 24.44 -15.27
N PHE A 168 4.88 23.62 -14.74
CA PHE A 168 4.38 23.72 -13.37
C PHE A 168 3.98 22.32 -12.86
N VAL A 169 4.92 21.67 -12.24
CA VAL A 169 4.81 20.25 -12.02
C VAL A 169 4.89 19.92 -10.52
N GLU A 170 3.97 19.09 -10.04
CA GLU A 170 4.02 18.59 -8.65
C GLU A 170 4.48 17.11 -8.69
N VAL A 171 5.37 16.72 -7.79
CA VAL A 171 5.85 15.37 -7.67
C VAL A 171 5.07 14.54 -6.70
N ILE A 172 4.75 13.30 -7.09
CA ILE A 172 4.01 12.40 -6.21
C ILE A 172 4.68 11.07 -6.31
N SER A 173 5.31 10.66 -5.23
CA SER A 173 5.97 9.35 -5.12
C SER A 173 5.12 8.35 -4.42
N LEU A 174 4.82 7.23 -5.05
CA LEU A 174 3.88 6.24 -4.47
C LEU A 174 4.53 4.88 -4.38
N PRO A 175 4.26 4.09 -3.30
CA PRO A 175 4.96 2.79 -3.23
C PRO A 175 4.53 1.88 -4.27
N LYS A 176 5.53 1.26 -4.91
CA LYS A 176 5.28 0.32 -5.93
C LYS A 176 4.37 -0.82 -5.50
N ASN A 177 4.53 -1.25 -4.22
CA ASN A 177 3.81 -2.38 -3.73
C ASN A 177 2.35 -2.09 -3.51
N ASP A 178 1.93 -0.85 -3.64
CA ASP A 178 0.47 -0.51 -3.47
C ASP A 178 0.02 0.54 -4.48
N LEU A 179 0.63 0.50 -5.68
CA LEU A 179 0.51 1.64 -6.56
C LEU A 179 -0.98 1.88 -6.99
N LEU A 180 -1.66 0.81 -7.41
CA LEU A 180 -3.02 0.91 -7.97
C LEU A 180 -3.96 1.47 -6.87
N GLN A 181 -3.87 0.96 -5.66
CA GLN A 181 -4.75 1.55 -4.63
C GLN A 181 -4.46 2.94 -4.28
N ARG A 182 -3.19 3.33 -4.31
CA ARG A 182 -2.83 4.67 -3.98
C ARG A 182 -3.30 5.67 -5.01
N LEU A 183 -3.17 5.30 -6.29
CA LEU A 183 -3.74 6.04 -7.39
C LEU A 183 -5.26 6.17 -7.24
N ASP A 184 -5.92 5.06 -6.96
CA ASP A 184 -7.44 5.07 -6.74
C ASP A 184 -7.77 6.05 -5.59
N ALA A 185 -6.99 6.06 -4.55
CA ALA A 185 -7.24 6.98 -3.44
C ALA A 185 -7.01 8.45 -3.81
N LEU A 186 -6.05 8.72 -4.72
CA LEU A 186 -5.94 10.07 -5.25
C LEU A 186 -7.12 10.47 -6.14
N VAL A 187 -7.62 9.58 -6.96
CA VAL A 187 -8.75 9.86 -7.87
C VAL A 187 -10.00 10.08 -7.02
N ALA A 188 -10.16 9.26 -5.98
CA ALA A 188 -11.28 9.39 -5.05
C ALA A 188 -11.31 10.78 -4.36
N GLU A 189 -10.15 11.38 -4.08
CA GLU A 189 -10.08 12.65 -3.31
C GLU A 189 -10.19 14.01 -4.06
N GLU A 190 -9.89 14.03 -5.36
CA GLU A 190 -10.10 15.21 -6.19
C GLU A 190 -10.39 14.83 -7.64
N HIS A 191 -10.81 15.82 -8.43
CA HIS A 191 -10.97 15.64 -9.88
C HIS A 191 -9.59 15.63 -10.49
N LEU A 192 -9.16 14.47 -10.97
CA LEU A 192 -7.89 14.37 -11.68
C LEU A 192 -7.92 13.12 -12.49
N THR A 193 -7.11 13.05 -13.54
CA THR A 193 -7.16 11.90 -14.36
C THR A 193 -5.80 11.16 -14.28
N VAL A 194 -5.83 9.87 -14.14
CA VAL A 194 -4.58 9.14 -14.21
C VAL A 194 -4.34 8.84 -15.70
N ASP A 195 -3.08 8.87 -16.07
CA ASP A 195 -2.63 8.46 -17.39
C ASP A 195 -2.76 7.01 -17.63
N ALA A 196 -3.09 6.67 -18.87
CA ALA A 196 -3.36 5.28 -19.19
C ALA A 196 -2.11 4.38 -19.09
N ARG A 197 -0.94 4.95 -19.33
CA ARG A 197 0.31 4.14 -19.18
C ARG A 197 0.57 3.89 -17.69
N VAL A 198 0.36 4.88 -16.89
CA VAL A 198 0.53 4.72 -15.44
C VAL A 198 -0.43 3.70 -14.90
N TYR A 199 -1.69 3.77 -15.39
CA TYR A 199 -2.69 2.86 -14.89
C TYR A 199 -2.40 1.47 -15.30
N SER A 200 -1.91 1.29 -16.53
CA SER A 200 -1.60 -0.02 -17.04
C SER A 200 -0.46 -0.67 -16.25
N TYR A 201 0.54 0.13 -15.96
CA TYR A 201 1.72 -0.29 -15.20
C TYR A 201 1.26 -0.69 -13.78
N ALA A 202 0.48 0.15 -13.16
CA ALA A 202 -0.11 -0.21 -11.82
C ALA A 202 -0.98 -1.49 -11.79
N LEU A 203 -1.81 -1.68 -12.82
CA LEU A 203 -2.59 -2.88 -13.00
C LEU A 203 -1.73 -4.15 -13.13
N ALA A 204 -0.66 -4.10 -13.97
CA ALA A 204 0.24 -5.26 -14.08
C ALA A 204 0.95 -5.52 -12.72
N LEU A 205 1.31 -4.51 -11.95
CA LEU A 205 1.91 -4.72 -10.62
C LEU A 205 0.92 -5.57 -9.77
N LYS A 206 -0.36 -5.22 -9.83
CA LYS A 206 -1.42 -6.00 -9.14
C LYS A 206 -1.50 -7.41 -9.71
N HIS A 207 -1.59 -7.56 -11.02
CA HIS A 207 -1.84 -8.84 -11.65
C HIS A 207 -0.65 -9.79 -11.48
N ALA A 208 0.56 -9.24 -11.30
CA ALA A 208 1.69 -10.09 -11.15
C ALA A 208 1.60 -10.86 -9.80
N LYS B 15 -5.92 26.23 -9.36
CA LYS B 15 -5.00 27.31 -9.82
C LYS B 15 -5.09 27.51 -11.35
N GLN B 16 -5.00 26.44 -12.15
CA GLN B 16 -5.04 26.62 -13.63
C GLN B 16 -6.40 26.23 -14.13
N TYR B 17 -6.82 26.82 -15.23
CA TYR B 17 -8.08 26.45 -15.84
C TYR B 17 -8.13 26.95 -17.28
N ILE B 18 -9.17 26.53 -17.95
CA ILE B 18 -9.45 26.87 -19.33
C ILE B 18 -10.29 28.16 -19.39
N ILE B 19 -9.85 29.11 -20.19
CA ILE B 19 -10.63 30.32 -20.40
C ILE B 19 -11.54 30.15 -21.62
N SER B 20 -10.96 29.76 -22.77
CA SER B 20 -11.70 29.54 -24.02
C SER B 20 -11.06 28.52 -24.94
N GLU B 21 -11.85 28.06 -25.89
CA GLU B 21 -11.41 27.11 -26.88
C GLU B 21 -11.91 27.67 -28.17
N GLU B 22 -10.99 27.83 -29.09
CA GLU B 22 -11.23 28.24 -30.45
C GLU B 22 -11.10 27.07 -31.40
N LEU B 23 -12.16 26.73 -32.11
CA LEU B 23 -12.03 25.73 -33.17
C LEU B 23 -11.07 26.12 -34.31
N ILE B 24 -10.13 25.25 -34.65
CA ILE B 24 -9.23 25.50 -35.79
C ILE B 24 -9.71 24.72 -37.01
N SER B 25 -10.02 23.43 -36.84
CA SER B 25 -10.36 22.57 -37.96
C SER B 25 -11.13 21.38 -37.44
N GLU B 26 -12.25 21.04 -38.09
CA GLU B 26 -13.10 19.94 -37.68
C GLU B 26 -13.30 18.98 -38.80
N GLY B 27 -12.79 17.77 -38.62
CA GLY B 27 -13.07 16.73 -39.55
C GLY B 27 -14.30 15.96 -39.17
N LYS B 28 -14.48 14.83 -39.82
CA LYS B 28 -15.54 13.90 -39.50
C LYS B 28 -15.33 13.23 -38.16
N TRP B 29 -14.06 12.89 -37.86
CA TRP B 29 -13.69 12.09 -36.70
C TRP B 29 -12.84 12.82 -35.64
N VAL B 30 -12.10 13.85 -36.07
CA VAL B 30 -11.13 14.51 -35.23
C VAL B 30 -11.20 16.01 -35.55
N LYS B 31 -11.03 16.80 -34.51
CA LYS B 31 -10.92 18.25 -34.59
C LYS B 31 -9.69 18.77 -33.84
N LEU B 32 -9.26 19.96 -34.22
CA LEU B 32 -8.10 20.64 -33.66
C LEU B 32 -8.50 21.97 -33.15
N GLU B 33 -8.22 22.27 -31.88
CA GLU B 33 -8.61 23.50 -31.22
C GLU B 33 -7.41 24.26 -30.71
N LYS B 34 -7.57 25.56 -30.48
CA LYS B 34 -6.57 26.32 -29.80
C LYS B 34 -7.18 26.65 -28.46
N THR B 35 -6.55 26.17 -27.41
CA THR B 35 -7.00 26.36 -26.03
C THR B 35 -6.31 27.50 -25.34
N THR B 36 -7.10 28.48 -24.83
CA THR B 36 -6.54 29.44 -23.96
C THR B 36 -6.75 29.08 -22.48
N TYR B 37 -5.69 29.23 -21.69
CA TYR B 37 -5.71 28.87 -20.27
C TYR B 37 -4.89 29.78 -19.43
N MET B 38 -5.22 29.73 -18.15
CA MET B 38 -4.59 30.56 -17.17
C MET B 38 -3.50 29.76 -16.51
N ASP B 39 -2.28 30.28 -16.56
CA ASP B 39 -1.18 29.58 -15.97
C ASP B 39 -1.16 29.91 -14.47
N PRO B 40 -0.29 29.28 -13.71
CA PRO B 40 -0.42 29.54 -12.27
C PRO B 40 0.09 30.92 -11.85
N THR B 41 0.97 31.53 -12.62
CA THR B 41 1.45 32.88 -12.33
C THR B 41 0.42 33.99 -12.54
N GLY B 42 -0.80 33.68 -13.00
CA GLY B 42 -1.77 34.71 -13.49
C GLY B 42 -1.62 35.11 -14.98
N LYS B 43 -0.83 34.35 -15.73
CA LYS B 43 -0.51 34.68 -17.14
C LYS B 43 -1.29 33.81 -18.12
N THR B 44 -1.90 34.41 -19.11
CA THR B 44 -2.75 33.72 -20.08
C THR B 44 -1.85 33.10 -21.12
N ARG B 45 -2.12 31.84 -21.49
CA ARG B 45 -1.24 31.04 -22.40
C ARG B 45 -2.14 30.20 -23.34
N THR B 46 -1.59 29.70 -24.46
CA THR B 46 -2.36 28.94 -25.40
C THR B 46 -1.74 27.55 -25.59
N TRP B 47 -2.58 26.62 -26.00
CA TRP B 47 -2.16 25.24 -26.28
C TRP B 47 -2.91 24.74 -27.51
N GLU B 48 -2.29 23.85 -28.27
CA GLU B 48 -2.95 23.22 -29.43
C GLU B 48 -3.43 21.86 -28.97
N SER B 49 -4.73 21.67 -29.02
CA SER B 49 -5.40 20.51 -28.52
C SER B 49 -6.19 19.75 -29.55
N VAL B 50 -6.19 18.42 -29.44
CA VAL B 50 -6.94 17.56 -30.35
C VAL B 50 -8.08 16.90 -29.57
N LYS B 51 -9.25 16.79 -30.20
CA LYS B 51 -10.37 16.04 -29.69
C LYS B 51 -11.06 15.21 -30.75
N ARG B 52 -11.66 14.09 -30.32
CA ARG B 52 -12.52 13.30 -31.23
C ARG B 52 -13.86 14.00 -31.32
N THR B 53 -14.52 13.89 -32.46
CA THR B 53 -15.87 14.48 -32.64
C THR B 53 -17.00 13.54 -32.13
N THR B 54 -16.64 12.29 -31.80
CA THR B 54 -17.54 11.21 -31.47
C THR B 54 -17.87 11.11 -29.97
N ARG B 55 -17.29 11.89 -29.08
CA ARG B 55 -17.57 11.64 -27.68
C ARG B 55 -18.99 12.10 -27.29
N LYS B 56 -19.65 11.38 -26.37
CA LYS B 56 -21.08 11.55 -25.97
C LYS B 56 -21.34 12.17 -24.59
N GLN B 58 -21.00 9.89 -22.70
CA GLN B 58 -20.12 8.78 -22.26
C GLN B 58 -19.04 9.19 -21.27
N THR B 59 -18.65 8.16 -20.49
CA THR B 59 -17.57 8.17 -19.46
C THR B 59 -16.18 8.44 -20.06
N ALA B 60 -16.04 8.20 -21.38
CA ALA B 60 -14.74 8.18 -22.03
C ALA B 60 -14.99 7.96 -23.48
N ASP B 61 -13.95 8.19 -24.31
CA ASP B 61 -14.06 7.88 -25.76
C ASP B 61 -14.24 6.42 -26.05
N GLY B 62 -13.38 5.60 -25.42
CA GLY B 62 -13.27 4.20 -25.72
C GLY B 62 -12.98 3.30 -24.56
N VAL B 63 -12.79 2.03 -24.89
CA VAL B 63 -12.21 1.07 -24.01
C VAL B 63 -11.02 0.36 -24.64
N ALA B 64 -10.15 -0.13 -23.76
CA ALA B 64 -9.09 -1.06 -24.16
C ALA B 64 -9.25 -2.28 -23.22
N VAL B 65 -9.10 -3.46 -23.76
CA VAL B 65 -9.33 -4.70 -23.03
C VAL B 65 -8.00 -5.42 -22.73
N ILE B 66 -7.75 -5.71 -21.47
CA ILE B 66 -6.65 -6.58 -21.09
C ILE B 66 -7.24 -8.00 -20.99
N PRO B 67 -7.04 -8.85 -22.02
CA PRO B 67 -7.76 -10.17 -22.02
C PRO B 67 -6.80 -11.30 -21.63
N VAL B 68 -7.11 -11.93 -20.53
CA VAL B 68 -6.28 -12.89 -19.87
C VAL B 68 -6.90 -14.25 -20.26
N LEU B 69 -6.25 -14.92 -21.22
CA LEU B 69 -6.67 -16.23 -21.72
C LEU B 69 -6.18 -17.34 -20.82
N GLN B 70 -7.14 -18.00 -20.18
CA GLN B 70 -6.84 -18.98 -19.15
C GLN B 70 -7.21 -20.39 -19.64
N ARG B 71 -6.22 -21.27 -19.86
CA ARG B 71 -6.43 -22.60 -20.31
C ARG B 71 -5.67 -23.50 -19.38
N THR B 72 -6.34 -24.54 -18.91
CA THR B 72 -5.65 -25.39 -17.98
C THR B 72 -4.48 -26.15 -18.64
N LEU B 73 -3.45 -26.36 -17.84
CA LEU B 73 -2.16 -26.93 -18.26
C LEU B 73 -1.45 -26.16 -19.33
N HIS B 74 -1.76 -24.87 -19.42
CA HIS B 74 -1.08 -23.96 -20.37
C HIS B 74 -0.67 -22.77 -19.63
N TYR B 75 0.29 -22.03 -20.19
CA TYR B 75 0.60 -20.74 -19.65
C TYR B 75 -0.58 -19.82 -19.88
N GLU B 76 -0.82 -18.95 -18.91
CA GLU B 76 -1.79 -17.86 -19.04
C GLU B 76 -1.28 -16.86 -20.11
N CYS B 77 -2.16 -16.47 -21.04
CA CYS B 77 -1.80 -15.61 -22.18
C CYS B 77 -2.59 -14.30 -22.12
N ILE B 78 -1.93 -13.30 -22.69
CA ILE B 78 -2.56 -12.00 -22.90
C ILE B 78 -2.85 -11.98 -24.35
N VAL B 79 -4.08 -11.65 -24.65
CA VAL B 79 -4.53 -11.67 -26.05
C VAL B 79 -4.39 -10.28 -26.69
N LEU B 80 -3.69 -10.16 -27.79
CA LEU B 80 -3.44 -8.81 -28.34
C LEU B 80 -3.84 -8.85 -29.80
N VAL B 81 -3.93 -7.68 -30.40
CA VAL B 81 -4.30 -7.61 -31.77
C VAL B 81 -3.29 -6.86 -32.57
N LYS B 82 -3.15 -7.21 -33.86
CA LYS B 82 -2.25 -6.57 -34.78
C LYS B 82 -3.07 -6.05 -35.97
N GLN B 83 -2.95 -4.75 -36.25
CA GLN B 83 -3.74 -4.05 -37.27
C GLN B 83 -2.85 -3.02 -37.93
N PHE B 84 -3.16 -2.68 -39.19
CA PHE B 84 -2.55 -1.55 -39.88
C PHE B 84 -3.17 -0.30 -39.29
N ARG B 85 -2.37 0.68 -38.92
CA ARG B 85 -2.93 1.93 -38.34
C ARG B 85 -2.54 3.05 -39.22
N PRO B 86 -3.50 3.63 -39.94
CA PRO B 86 -3.10 4.70 -40.91
C PRO B 86 -2.34 5.86 -40.33
N PRO B 87 -2.71 6.36 -39.13
CA PRO B 87 -1.83 7.41 -38.64
C PRO B 87 -0.38 7.05 -38.39
N MET B 88 -0.12 5.77 -38.11
CA MET B 88 1.24 5.32 -37.88
C MET B 88 1.93 4.92 -39.19
N GLY B 89 1.19 4.72 -40.26
CA GLY B 89 1.80 4.27 -41.53
C GLY B 89 2.29 2.85 -41.47
N GLY B 90 1.82 2.06 -40.50
CA GLY B 90 2.37 0.74 -40.27
C GLY B 90 1.51 -0.11 -39.35
N TYR B 91 2.01 -1.30 -39.05
CA TYR B 91 1.28 -2.25 -38.19
C TYR B 91 1.67 -2.02 -36.73
N CYS B 92 0.66 -2.09 -35.86
CA CYS B 92 0.77 -1.95 -34.40
C CYS B 92 0.20 -3.12 -33.68
N ILE B 93 0.76 -3.39 -32.49
CA ILE B 93 0.32 -4.48 -31.63
C ILE B 93 -0.29 -3.77 -30.43
N GLU B 94 -1.54 -4.06 -30.15
CA GLU B 94 -2.38 -3.36 -29.17
C GLU B 94 -3.28 -4.25 -28.37
N PHE B 95 -3.74 -3.80 -27.20
CA PHE B 95 -4.88 -4.42 -26.61
C PHE B 95 -6.11 -4.30 -27.53
N PRO B 96 -6.96 -5.28 -27.58
CA PRO B 96 -8.30 -5.08 -28.24
C PRO B 96 -9.02 -3.86 -27.67
N ALA B 97 -9.62 -3.06 -28.58
CA ALA B 97 -10.05 -1.72 -28.25
C ALA B 97 -10.97 -1.16 -29.33
N GLY B 98 -11.91 -0.36 -28.85
CA GLY B 98 -12.77 0.45 -29.71
C GLY B 98 -13.50 1.51 -28.93
N LEU B 99 -14.18 2.39 -29.68
CA LEU B 99 -15.05 3.40 -29.07
C LEU B 99 -16.29 2.79 -28.45
N ILE B 100 -16.78 3.45 -27.39
CA ILE B 100 -17.93 3.06 -26.65
C ILE B 100 -19.14 3.56 -27.43
N ASP B 101 -20.06 2.67 -27.79
CA ASP B 101 -21.34 3.12 -28.49
C ASP B 101 -22.17 4.02 -27.56
N ASP B 102 -22.97 4.94 -28.11
CA ASP B 102 -23.76 5.87 -27.23
C ASP B 102 -24.77 5.04 -26.42
N GLY B 103 -24.79 5.20 -25.09
CA GLY B 103 -25.60 4.32 -24.26
C GLY B 103 -25.12 2.89 -24.05
N GLU B 104 -23.80 2.67 -24.21
CA GLU B 104 -23.13 1.41 -23.82
C GLU B 104 -22.34 1.63 -22.53
N THR B 105 -22.38 0.67 -21.61
CA THR B 105 -21.50 0.75 -20.42
C THR B 105 -20.06 0.43 -20.88
N PRO B 106 -19.05 0.92 -20.15
CA PRO B 106 -17.68 0.46 -20.57
C PRO B 106 -17.51 -1.05 -20.56
N GLU B 107 -18.00 -1.70 -19.50
CA GLU B 107 -17.98 -3.19 -19.47
C GLU B 107 -18.56 -3.86 -20.70
N ALA B 108 -19.65 -3.33 -21.22
CA ALA B 108 -20.31 -3.97 -22.33
C ALA B 108 -19.58 -3.72 -23.59
N ALA B 109 -18.97 -2.52 -23.70
CA ALA B 109 -18.17 -2.20 -24.86
C ALA B 109 -16.96 -3.12 -24.88
N ALA B 110 -16.47 -3.47 -23.70
CA ALA B 110 -15.26 -4.33 -23.59
C ALA B 110 -15.51 -5.73 -24.08
N LEU B 111 -16.64 -6.30 -23.64
CA LEU B 111 -16.95 -7.68 -24.11
C LEU B 111 -17.28 -7.71 -25.57
N ARG B 112 -17.95 -6.68 -26.05
CA ARG B 112 -18.28 -6.62 -27.43
C ARG B 112 -17.05 -6.45 -28.30
N GLU B 113 -16.18 -5.44 -27.99
CA GLU B 113 -14.98 -5.24 -28.80
C GLU B 113 -14.07 -6.47 -28.72
N LEU B 114 -13.93 -7.07 -27.57
CA LEU B 114 -13.16 -8.33 -27.47
C LEU B 114 -13.68 -9.41 -28.39
N GLU B 115 -14.99 -9.60 -28.42
CA GLU B 115 -15.56 -10.58 -29.40
C GLU B 115 -15.41 -10.27 -30.84
N GLU B 116 -15.69 -9.02 -31.21
CA GLU B 116 -15.55 -8.63 -32.61
C GLU B 116 -14.12 -8.74 -33.14
N GLU B 117 -13.14 -8.39 -32.29
CA GLU B 117 -11.74 -8.33 -32.67
C GLU B 117 -10.99 -9.68 -32.56
N THR B 118 -11.36 -10.46 -31.57
CA THR B 118 -10.66 -11.76 -31.28
C THR B 118 -11.54 -13.01 -31.46
N GLY B 119 -12.86 -12.82 -31.47
CA GLY B 119 -13.77 -13.96 -31.32
C GLY B 119 -13.95 -14.52 -29.94
N TYR B 120 -13.12 -14.21 -28.93
CA TYR B 120 -13.29 -14.68 -27.59
C TYR B 120 -14.43 -14.05 -26.83
N LYS B 121 -15.06 -14.88 -26.00
CA LYS B 121 -16.13 -14.51 -25.09
C LYS B 121 -15.62 -14.55 -23.69
N GLY B 122 -15.64 -13.40 -23.03
CA GLY B 122 -14.92 -13.19 -21.80
C GLY B 122 -15.80 -12.76 -20.65
N ASP B 123 -15.21 -12.71 -19.49
CA ASP B 123 -15.85 -12.26 -18.27
C ASP B 123 -15.11 -11.07 -17.71
N ILE B 124 -15.86 -10.07 -17.26
CA ILE B 124 -15.30 -8.89 -16.60
C ILE B 124 -14.66 -9.16 -15.25
N ALA B 125 -13.42 -8.71 -15.07
CA ALA B 125 -12.77 -8.79 -13.80
C ALA B 125 -12.77 -7.50 -13.05
N GLU B 126 -12.40 -6.42 -13.73
CA GLU B 126 -12.35 -5.12 -13.15
C GLU B 126 -12.33 -4.11 -14.29
N CYS B 127 -12.58 -2.85 -13.92
CA CYS B 127 -12.76 -1.76 -14.89
C CYS B 127 -12.18 -0.52 -14.31
N SER B 128 -11.26 0.16 -15.02
CA SER B 128 -10.67 1.39 -14.49
C SER B 128 -11.60 2.60 -14.56
N PRO B 129 -11.32 3.64 -13.80
CA PRO B 129 -11.83 4.95 -14.16
C PRO B 129 -11.37 5.44 -15.54
N ALA B 130 -11.97 6.54 -16.00
CA ALA B 130 -11.50 7.04 -17.32
C ALA B 130 -10.00 7.45 -17.16
N VAL B 131 -9.15 7.10 -18.13
CA VAL B 131 -7.71 7.35 -18.04
C VAL B 131 -7.27 7.97 -19.33
N CYS B 132 -6.32 8.91 -19.26
CA CYS B 132 -6.02 9.64 -20.49
C CYS B 132 -5.01 8.98 -21.43
N MET B 133 -5.24 9.10 -22.72
CA MET B 133 -4.33 8.57 -23.69
C MET B 133 -3.03 9.33 -23.99
N ASP B 134 -3.07 10.66 -24.18
CA ASP B 134 -1.94 11.43 -24.45
C ASP B 134 -2.28 12.85 -24.08
N PRO B 135 -2.19 13.22 -22.78
CA PRO B 135 -2.98 14.39 -22.33
C PRO B 135 -2.29 15.73 -22.72
N GLY B 136 -1.01 15.70 -23.15
CA GLY B 136 -0.39 16.87 -23.73
C GLY B 136 -0.80 17.11 -25.17
N LEU B 137 -1.49 16.14 -25.74
CA LEU B 137 -1.98 16.31 -27.11
C LEU B 137 -3.50 16.42 -27.19
N SER B 138 -4.22 15.49 -26.56
CA SER B 138 -5.64 15.30 -26.79
C SER B 138 -6.42 15.14 -25.50
N ASN B 139 -7.74 15.23 -25.59
CA ASN B 139 -8.54 14.91 -24.44
C ASN B 139 -8.98 13.45 -24.41
N CYS B 140 -8.42 12.58 -25.29
CA CYS B 140 -8.88 11.19 -25.46
C CYS B 140 -8.69 10.39 -24.20
N THR B 141 -9.76 9.72 -23.84
CA THR B 141 -9.74 8.85 -22.70
C THR B 141 -10.35 7.52 -22.98
N ILE B 142 -9.95 6.53 -22.15
CA ILE B 142 -10.48 5.20 -22.21
C ILE B 142 -10.73 4.63 -20.84
N HIS B 143 -11.55 3.55 -20.77
CA HIS B 143 -11.55 2.70 -19.61
C HIS B 143 -10.75 1.46 -19.99
N ILE B 144 -9.78 1.14 -19.13
CA ILE B 144 -9.07 -0.15 -19.26
C ILE B 144 -9.89 -1.23 -18.53
N VAL B 145 -10.24 -2.25 -19.24
CA VAL B 145 -11.13 -3.31 -18.67
C VAL B 145 -10.42 -4.65 -18.74
N THR B 146 -10.14 -5.22 -17.57
CA THR B 146 -9.45 -6.47 -17.40
C THR B 146 -10.52 -7.53 -17.53
N VAL B 147 -10.31 -8.51 -18.40
CA VAL B 147 -11.34 -9.51 -18.71
C VAL B 147 -10.62 -10.82 -18.71
N THR B 148 -11.23 -11.86 -18.13
CA THR B 148 -10.66 -13.23 -18.21
C THR B 148 -11.41 -14.01 -19.28
N ILE B 149 -10.74 -14.93 -19.97
CA ILE B 149 -11.33 -15.74 -21.01
C ILE B 149 -11.12 -17.21 -20.61
N ASN B 150 -12.20 -17.95 -20.43
CA ASN B 150 -12.06 -19.40 -20.08
C ASN B 150 -11.88 -20.09 -21.37
N GLY B 151 -10.61 -20.36 -21.70
CA GLY B 151 -10.22 -20.92 -22.95
C GLY B 151 -10.60 -22.41 -23.02
N ASP B 152 -11.07 -23.00 -21.93
CA ASP B 152 -11.49 -24.41 -21.99
C ASP B 152 -13.03 -24.57 -22.26
N ASP B 153 -13.78 -23.47 -22.35
CA ASP B 153 -15.21 -23.51 -22.59
C ASP B 153 -15.35 -23.68 -24.07
N ALA B 154 -16.42 -24.38 -24.47
CA ALA B 154 -16.68 -24.65 -25.87
C ALA B 154 -16.86 -23.39 -26.70
N GLU B 155 -17.44 -22.34 -26.13
CA GLU B 155 -17.67 -21.13 -26.94
C GLU B 155 -16.34 -20.48 -27.36
N ASN B 156 -15.30 -20.66 -26.55
CA ASN B 156 -13.94 -20.20 -26.91
C ASN B 156 -13.03 -21.24 -27.55
N ALA B 157 -13.59 -22.37 -28.01
CA ALA B 157 -12.78 -23.39 -28.68
C ALA B 157 -12.24 -22.93 -30.03
N ARG B 158 -13.15 -22.58 -30.94
CA ARG B 158 -12.83 -22.01 -32.27
C ARG B 158 -13.36 -20.56 -32.23
N PRO B 159 -12.56 -19.62 -31.68
CA PRO B 159 -13.11 -18.25 -31.57
C PRO B 159 -13.50 -17.65 -32.95
N LYS B 160 -14.74 -17.14 -33.07
CA LYS B 160 -15.24 -16.48 -34.30
C LYS B 160 -15.10 -14.91 -34.33
N PRO B 161 -13.97 -14.34 -34.85
CA PRO B 161 -13.85 -12.85 -34.87
C PRO B 161 -14.80 -12.18 -35.84
N LYS B 162 -15.75 -11.37 -35.33
CA LYS B 162 -16.70 -10.61 -36.18
C LYS B 162 -16.26 -9.15 -36.50
N PRO B 163 -15.38 -8.97 -37.52
CA PRO B 163 -14.99 -7.59 -37.86
C PRO B 163 -16.14 -6.70 -38.34
N GLY B 164 -16.21 -5.47 -37.83
CA GLY B 164 -16.99 -4.42 -38.50
C GLY B 164 -16.40 -4.07 -39.89
N ASP B 165 -17.10 -3.20 -40.63
CA ASP B 165 -16.60 -2.72 -41.92
C ASP B 165 -15.20 -2.11 -41.74
N GLY B 166 -14.29 -2.47 -42.63
CA GLY B 166 -12.93 -1.91 -42.61
C GLY B 166 -11.98 -2.29 -41.47
N GLU B 167 -12.37 -3.21 -40.58
CA GLU B 167 -11.43 -3.73 -39.58
C GLU B 167 -10.82 -5.03 -40.14
N PHE B 168 -9.53 -5.21 -39.90
CA PHE B 168 -8.75 -6.28 -40.49
C PHE B 168 -7.69 -6.61 -39.43
N VAL B 169 -8.07 -7.54 -38.57
CA VAL B 169 -7.41 -7.75 -37.31
C VAL B 169 -6.80 -9.15 -37.22
N GLU B 170 -5.53 -9.21 -36.85
CA GLU B 170 -4.86 -10.46 -36.57
C GLU B 170 -4.73 -10.59 -35.05
N VAL B 171 -4.92 -11.79 -34.53
CA VAL B 171 -4.92 -12.01 -33.10
C VAL B 171 -3.55 -12.62 -32.74
N ILE B 172 -2.95 -12.15 -31.66
CA ILE B 172 -1.63 -12.64 -31.21
C ILE B 172 -1.71 -12.83 -29.70
N SER B 173 -1.66 -14.10 -29.26
CA SER B 173 -1.66 -14.44 -27.85
C SER B 173 -0.27 -14.72 -27.36
N LEU B 174 0.11 -14.09 -26.27
CA LEU B 174 1.43 -14.20 -25.80
C LEU B 174 1.43 -14.54 -24.37
N PRO B 175 2.39 -15.37 -23.95
CA PRO B 175 2.37 -15.73 -22.51
C PRO B 175 2.57 -14.58 -21.60
N LYS B 176 1.68 -14.43 -20.61
CA LYS B 176 1.79 -13.39 -19.64
C LYS B 176 3.18 -13.39 -18.91
N ASN B 177 3.68 -14.58 -18.53
CA ASN B 177 4.96 -14.60 -17.76
C ASN B 177 6.25 -14.26 -18.56
N ASP B 178 6.15 -14.12 -19.89
CA ASP B 178 7.29 -13.71 -20.66
C ASP B 178 6.95 -12.51 -21.57
N LEU B 179 5.90 -11.76 -21.21
CA LEU B 179 5.27 -10.88 -22.23
C LEU B 179 6.32 -9.89 -22.80
N LEU B 180 7.09 -9.26 -21.94
CA LEU B 180 8.02 -8.20 -22.40
C LEU B 180 9.05 -8.69 -23.42
N GLN B 181 9.64 -9.87 -23.14
CA GLN B 181 10.59 -10.47 -24.06
C GLN B 181 9.90 -10.91 -25.32
N ARG B 182 8.66 -11.40 -25.23
CA ARG B 182 7.99 -11.81 -26.42
C ARG B 182 7.68 -10.61 -27.35
N LEU B 183 7.27 -9.48 -26.76
CA LEU B 183 6.99 -8.29 -27.53
C LEU B 183 8.27 -7.74 -28.18
N ASP B 184 9.32 -7.63 -27.39
CA ASP B 184 10.68 -7.26 -27.90
C ASP B 184 11.04 -8.15 -29.11
N ALA B 185 10.79 -9.44 -29.02
CA ALA B 185 11.11 -10.34 -30.15
C ALA B 185 10.31 -10.02 -31.41
N LEU B 186 9.03 -9.71 -31.25
CA LEU B 186 8.22 -9.35 -32.41
C LEU B 186 8.66 -8.06 -33.07
N VAL B 187 8.96 -7.06 -32.26
CA VAL B 187 9.51 -5.82 -32.76
C VAL B 187 10.82 -6.05 -33.55
N ALA B 188 11.71 -6.89 -33.07
CA ALA B 188 12.99 -7.09 -33.79
C ALA B 188 12.77 -7.83 -35.11
N GLU B 189 11.87 -8.80 -35.11
CA GLU B 189 11.75 -9.67 -36.24
C GLU B 189 10.72 -9.18 -37.25
N GLU B 190 9.64 -8.57 -36.78
CA GLU B 190 8.44 -8.31 -37.62
C GLU B 190 8.26 -6.84 -38.09
N HIS B 191 9.10 -5.92 -37.58
CA HIS B 191 9.00 -4.46 -37.84
C HIS B 191 7.60 -3.78 -37.64
N LEU B 192 7.16 -3.94 -36.40
CA LEU B 192 5.90 -3.58 -35.84
C LEU B 192 6.14 -2.55 -34.73
N THR B 193 5.10 -1.81 -34.33
CA THR B 193 5.16 -0.92 -33.22
C THR B 193 4.23 -1.43 -32.12
N VAL B 194 4.75 -1.57 -30.90
CA VAL B 194 4.00 -1.97 -29.73
C VAL B 194 3.36 -0.73 -29.14
N ASP B 195 2.12 -0.86 -28.74
CA ASP B 195 1.41 0.14 -28.02
C ASP B 195 1.96 0.44 -26.66
N ALA B 196 1.92 1.70 -26.23
CA ALA B 196 2.62 2.15 -25.01
C ALA B 196 1.94 1.60 -23.76
N ARG B 197 0.61 1.40 -23.81
CA ARG B 197 -0.06 0.77 -22.74
C ARG B 197 0.30 -0.73 -22.63
N VAL B 198 0.33 -1.41 -23.73
CA VAL B 198 0.74 -2.83 -23.74
C VAL B 198 2.18 -2.90 -23.19
N TYR B 199 3.10 -2.05 -23.64
CA TYR B 199 4.48 -2.09 -23.16
C TYR B 199 4.62 -1.75 -21.67
N SER B 200 3.85 -0.84 -21.20
CA SER B 200 3.85 -0.43 -19.82
C SER B 200 3.41 -1.58 -18.93
N TYR B 201 2.35 -2.25 -19.34
CA TYR B 201 1.84 -3.49 -18.68
C TYR B 201 2.94 -4.55 -18.62
N ALA B 202 3.51 -4.85 -19.78
CA ALA B 202 4.56 -5.83 -19.84
C ALA B 202 5.78 -5.53 -18.99
N LEU B 203 6.23 -4.26 -18.95
CA LEU B 203 7.28 -3.85 -18.14
C LEU B 203 7.01 -4.08 -16.68
N ALA B 204 5.84 -3.64 -16.23
CA ALA B 204 5.47 -3.84 -14.82
C ALA B 204 5.36 -5.31 -14.40
N LEU B 205 4.98 -6.17 -15.30
CA LEU B 205 4.96 -7.64 -14.97
C LEU B 205 6.40 -8.05 -14.63
N LYS B 206 7.36 -7.51 -15.35
CA LYS B 206 8.79 -7.80 -15.03
C LYS B 206 9.25 -7.08 -13.77
N HIS B 207 8.90 -5.82 -13.59
CA HIS B 207 9.30 -5.07 -12.44
C HIS B 207 8.68 -5.47 -11.08
N ALA B 208 7.55 -6.19 -11.14
CA ALA B 208 6.86 -6.61 -9.91
C ALA B 208 7.76 -7.40 -8.97
N ASN B 209 7.68 -7.15 -7.67
CA ASN B 209 8.58 -7.77 -6.65
C ASN B 209 10.09 -7.68 -7.02
N GLN C 16 21.71 -2.08 10.86
CA GLN C 16 21.79 -3.37 11.64
C GLN C 16 21.09 -4.49 10.89
N TYR C 17 21.51 -5.73 11.15
CA TYR C 17 20.88 -6.88 10.48
C TYR C 17 21.19 -8.16 11.18
N ILE C 18 20.38 -9.14 10.84
CA ILE C 18 20.39 -10.48 11.40
C ILE C 18 21.45 -11.26 10.65
N ILE C 19 22.41 -11.81 11.39
CA ILE C 19 23.48 -12.66 10.82
C ILE C 19 23.05 -14.14 10.84
N SER C 20 22.52 -14.61 11.95
CA SER C 20 22.12 -16.02 12.07
C SER C 20 21.13 -16.23 13.22
N GLU C 21 20.28 -17.25 13.06
CA GLU C 21 19.25 -17.67 14.05
C GLU C 21 19.53 -19.13 14.45
N GLU C 22 20.28 -19.29 15.54
CA GLU C 22 20.66 -20.60 16.06
C GLU C 22 19.57 -21.10 17.01
N LEU C 23 19.02 -22.28 16.71
CA LEU C 23 17.93 -22.84 17.46
C LEU C 23 18.39 -23.43 18.81
N ILE C 24 17.89 -22.90 19.94
CA ILE C 24 18.20 -23.38 21.30
C ILE C 24 17.26 -24.50 21.78
N SER C 25 15.96 -24.38 21.52
CA SER C 25 14.99 -25.42 21.90
C SER C 25 13.62 -25.23 21.22
N GLU C 26 12.98 -26.33 20.82
CA GLU C 26 11.70 -26.28 20.11
C GLU C 26 10.68 -27.25 20.69
N GLY C 27 9.53 -26.71 21.10
CA GLY C 27 8.41 -27.50 21.54
C GLY C 27 7.41 -27.56 20.41
N LYS C 28 6.17 -27.89 20.77
CA LYS C 28 5.05 -28.00 19.82
C LYS C 28 4.46 -26.65 19.36
N TRP C 29 4.45 -25.67 20.27
CA TRP C 29 3.82 -24.35 20.05
C TRP C 29 4.79 -23.18 20.07
N VAL C 30 5.88 -23.29 20.81
CA VAL C 30 6.89 -22.19 20.91
C VAL C 30 8.31 -22.74 20.70
N LYS C 31 9.24 -21.86 20.31
CA LYS C 31 10.65 -22.19 20.18
C LYS C 31 11.51 -21.01 20.63
N LEU C 32 12.71 -21.32 21.11
CA LEU C 32 13.64 -20.33 21.66
C LEU C 32 14.85 -20.36 20.75
N GLU C 33 15.45 -19.20 20.43
CA GLU C 33 16.65 -19.10 19.58
C GLU C 33 17.74 -18.21 20.13
N LYS C 34 18.95 -18.40 19.59
CA LYS C 34 20.12 -17.49 19.84
C LYS C 34 20.21 -16.70 18.57
N THR C 35 20.12 -15.37 18.68
CA THR C 35 20.16 -14.48 17.53
C THR C 35 21.47 -13.71 17.50
N THR C 36 22.10 -13.66 16.32
CA THR C 36 23.37 -12.98 16.16
C THR C 36 23.15 -11.88 15.14
N TYR C 37 23.53 -10.67 15.51
CA TYR C 37 23.19 -9.48 14.76
C TYR C 37 24.35 -8.50 14.76
N MET C 38 24.47 -7.72 13.68
CA MET C 38 25.47 -6.63 13.61
C MET C 38 24.85 -5.39 14.18
N ASP C 39 25.49 -4.82 15.21
CA ASP C 39 25.07 -3.50 15.72
C ASP C 39 25.47 -2.43 14.77
N PRO C 40 25.07 -1.18 15.11
CA PRO C 40 25.29 -0.05 14.23
C PRO C 40 26.80 0.36 14.09
N THR C 41 27.64 0.13 15.12
CA THR C 41 29.10 0.39 15.03
C THR C 41 29.89 -0.69 14.24
N GLY C 42 29.32 -1.87 14.02
CA GLY C 42 30.02 -3.02 13.40
C GLY C 42 30.45 -4.14 14.34
N LYS C 43 30.12 -4.05 15.63
CA LYS C 43 30.29 -5.18 16.57
C LYS C 43 29.18 -6.22 16.28
N THR C 44 29.61 -7.47 16.15
CA THR C 44 28.70 -8.62 16.14
C THR C 44 28.11 -8.79 17.60
N ARG C 45 26.78 -8.86 17.77
CA ARG C 45 26.22 -8.97 19.12
C ARG C 45 25.25 -10.11 19.14
N THR C 46 24.71 -10.41 20.32
CA THR C 46 23.83 -11.53 20.44
C THR C 46 22.55 -11.18 21.29
N TRP C 47 21.53 -12.01 21.14
CA TRP C 47 20.20 -11.81 21.75
C TRP C 47 19.46 -13.15 21.87
N GLU C 48 18.62 -13.27 22.90
CA GLU C 48 17.77 -14.47 23.07
C GLU C 48 16.35 -14.18 22.58
N SER C 49 15.93 -14.89 21.54
CA SER C 49 14.63 -14.62 20.80
C SER C 49 13.64 -15.78 20.91
N VAL C 50 12.34 -15.46 20.94
CA VAL C 50 11.28 -16.43 20.99
C VAL C 50 10.42 -16.26 19.74
N LYS C 51 9.91 -17.37 19.21
CA LYS C 51 8.98 -17.39 18.07
C LYS C 51 7.95 -18.50 18.28
N ARG C 52 6.74 -18.34 17.74
CA ARG C 52 5.75 -19.42 17.73
C ARG C 52 6.03 -20.33 16.55
N THR C 53 5.61 -21.59 16.65
CA THR C 53 5.86 -22.58 15.59
C THR C 53 4.77 -22.65 14.53
N THR C 54 3.61 -22.11 14.88
CA THR C 54 2.37 -22.13 14.12
C THR C 54 2.22 -21.13 12.92
N ARG C 55 3.22 -20.29 12.67
CA ARG C 55 3.11 -19.18 11.70
C ARG C 55 3.54 -19.56 10.28
N LYS C 56 2.63 -19.35 9.32
CA LYS C 56 2.89 -19.58 7.88
C LYS C 56 3.31 -18.24 7.25
N GLN C 58 1.07 -16.10 6.27
CA GLN C 58 0.29 -15.57 7.38
C GLN C 58 0.81 -14.15 7.64
N THR C 59 -0.10 -13.17 7.56
CA THR C 59 0.24 -11.71 7.74
C THR C 59 0.82 -11.44 9.15
N ALA C 60 0.45 -12.33 10.06
CA ALA C 60 0.80 -12.24 11.46
C ALA C 60 0.38 -13.54 12.15
N ASP C 61 0.82 -13.70 13.39
CA ASP C 61 0.44 -14.89 14.11
C ASP C 61 -1.05 -14.90 14.40
N GLY C 62 -1.58 -13.73 14.84
CA GLY C 62 -2.97 -13.72 15.37
C GLY C 62 -3.68 -12.42 15.16
N VAL C 63 -4.89 -12.39 15.67
CA VAL C 63 -5.61 -11.15 15.68
C VAL C 63 -6.05 -10.87 17.13
N ALA C 64 -6.26 -9.59 17.41
CA ALA C 64 -6.96 -9.14 18.62
C ALA C 64 -8.09 -8.23 18.16
N VAL C 65 -9.24 -8.33 18.81
CA VAL C 65 -10.45 -7.74 18.31
C VAL C 65 -10.83 -6.69 19.32
N ILE C 66 -10.96 -5.44 18.86
CA ILE C 66 -11.50 -4.42 19.70
C ILE C 66 -13.05 -4.36 19.37
N PRO C 67 -13.92 -4.94 20.25
CA PRO C 67 -15.33 -5.09 19.90
C PRO C 67 -16.20 -4.05 20.58
N VAL C 68 -16.70 -3.15 19.77
CA VAL C 68 -17.38 -1.98 20.24
C VAL C 68 -18.88 -2.28 20.13
N LEU C 69 -19.48 -2.40 21.30
CA LEU C 69 -20.91 -2.78 21.39
C LEU C 69 -21.69 -1.48 21.35
N GLN C 70 -22.50 -1.33 20.29
CA GLN C 70 -23.23 -0.14 19.94
C GLN C 70 -24.75 -0.37 20.08
N ARG C 71 -25.40 0.50 20.81
CA ARG C 71 -26.84 0.35 21.12
C ARG C 71 -27.44 1.69 21.13
N THR C 72 -28.64 1.78 20.59
CA THR C 72 -29.35 3.05 20.39
C THR C 72 -29.47 3.86 21.62
N LEU C 73 -29.76 3.19 22.72
CA LEU C 73 -30.07 3.92 23.97
C LEU C 73 -28.93 4.19 24.88
N HIS C 74 -27.74 3.70 24.50
CA HIS C 74 -26.63 3.65 25.42
C HIS C 74 -25.32 4.16 24.85
N TYR C 75 -24.42 4.50 25.75
CA TYR C 75 -23.01 4.71 25.39
C TYR C 75 -22.39 3.36 25.02
N GLU C 76 -21.30 3.44 24.22
CA GLU C 76 -20.67 2.25 23.75
C GLU C 76 -20.03 1.51 24.89
N CYS C 77 -19.98 0.18 24.75
CA CYS C 77 -19.16 -0.66 25.60
C CYS C 77 -18.05 -1.28 24.80
N ILE C 78 -16.99 -1.62 25.50
CA ILE C 78 -15.91 -2.46 24.93
C ILE C 78 -16.09 -3.87 25.50
N VAL C 79 -16.07 -4.85 24.64
CA VAL C 79 -16.33 -6.30 25.04
C VAL C 79 -14.98 -6.97 25.27
N LEU C 80 -14.70 -7.45 26.50
CA LEU C 80 -13.40 -8.08 26.83
C LEU C 80 -13.72 -9.51 27.31
N VAL C 81 -12.67 -10.27 27.43
CA VAL C 81 -12.75 -11.64 27.93
C VAL C 81 -11.79 -11.84 29.06
N LYS C 82 -12.23 -12.67 30.00
CA LYS C 82 -11.41 -13.10 31.10
C LYS C 82 -11.23 -14.61 31.00
N GLN C 83 -9.98 -14.97 31.13
CA GLN C 83 -9.58 -16.36 31.00
C GLN C 83 -8.33 -16.67 31.81
N PHE C 84 -8.22 -17.92 32.26
CA PHE C 84 -7.01 -18.39 32.86
C PHE C 84 -5.91 -18.56 31.83
N ARG C 85 -4.76 -18.03 32.13
CA ARG C 85 -3.60 -18.02 31.22
C ARG C 85 -2.48 -18.71 31.92
N PRO C 86 -2.16 -19.97 31.48
CA PRO C 86 -1.13 -20.72 32.22
C PRO C 86 0.22 -20.03 32.37
N PRO C 87 0.72 -19.32 31.32
CA PRO C 87 1.98 -18.66 31.52
C PRO C 87 1.96 -17.63 32.64
N MET C 88 0.82 -17.00 32.90
CA MET C 88 0.74 -16.04 33.97
C MET C 88 0.37 -16.67 35.29
N GLY C 89 -0.05 -17.92 35.30
CA GLY C 89 -0.56 -18.56 36.51
C GLY C 89 -1.73 -17.86 37.15
N GLY C 90 -2.58 -17.29 36.31
CA GLY C 90 -3.74 -16.59 36.80
C GLY C 90 -4.61 -16.08 35.71
N TYR C 91 -5.59 -15.27 36.12
CA TYR C 91 -6.61 -14.81 35.23
C TYR C 91 -6.20 -13.51 34.61
N CYS C 92 -6.56 -13.35 33.31
CA CYS C 92 -6.27 -12.09 32.56
C CYS C 92 -7.48 -11.55 31.89
N ILE C 93 -7.51 -10.21 31.76
CA ILE C 93 -8.58 -9.57 31.06
C ILE C 93 -7.98 -9.01 29.73
N GLU C 94 -8.61 -9.38 28.65
CA GLU C 94 -7.98 -9.17 27.29
C GLU C 94 -9.03 -8.86 26.27
N PHE C 95 -8.57 -8.31 25.15
CA PHE C 95 -9.37 -8.37 23.96
C PHE C 95 -9.55 -9.84 23.50
N PRO C 96 -10.75 -10.15 22.97
CA PRO C 96 -10.95 -11.41 22.27
C PRO C 96 -9.86 -11.55 21.22
N ALA C 97 -9.29 -12.73 21.13
CA ALA C 97 -8.15 -12.93 20.31
C ALA C 97 -7.91 -14.35 19.95
N GLY C 98 -7.20 -14.59 18.83
CA GLY C 98 -6.72 -15.93 18.58
C GLY C 98 -5.84 -15.97 17.36
N LEU C 99 -5.22 -17.12 17.12
CA LEU C 99 -4.34 -17.28 15.96
C LEU C 99 -5.09 -17.28 14.64
N ILE C 100 -4.45 -16.74 13.59
CA ILE C 100 -5.08 -16.79 12.24
C ILE C 100 -4.91 -18.18 11.61
N ASP C 101 -6.02 -18.83 11.25
CA ASP C 101 -5.99 -20.19 10.66
C ASP C 101 -5.34 -20.09 9.30
N ASP C 102 -4.67 -21.16 8.87
CA ASP C 102 -4.01 -21.16 7.55
C ASP C 102 -5.08 -20.99 6.48
N GLY C 103 -4.86 -20.09 5.54
CA GLY C 103 -5.86 -19.81 4.49
C GLY C 103 -6.83 -18.69 4.81
N GLU C 104 -6.85 -18.23 6.07
CA GLU C 104 -7.84 -17.29 6.59
C GLU C 104 -7.33 -15.85 6.57
N THR C 105 -8.19 -14.91 6.22
CA THR C 105 -7.90 -13.53 6.31
C THR C 105 -7.93 -13.00 7.82
N PRO C 106 -7.21 -11.91 8.13
CA PRO C 106 -7.30 -11.44 9.54
C PRO C 106 -8.71 -11.03 9.89
N GLU C 107 -9.44 -10.49 8.91
CA GLU C 107 -10.76 -9.97 9.15
C GLU C 107 -11.73 -11.10 9.56
N ALA C 108 -11.64 -12.21 8.84
CA ALA C 108 -12.47 -13.38 9.03
C ALA C 108 -12.09 -14.02 10.38
N ALA C 109 -10.80 -14.08 10.67
CA ALA C 109 -10.34 -14.59 11.97
C ALA C 109 -10.93 -13.77 13.10
N ALA C 110 -10.94 -12.45 12.95
CA ALA C 110 -11.46 -11.59 13.96
C ALA C 110 -12.95 -11.87 14.22
N LEU C 111 -13.72 -11.98 13.15
CA LEU C 111 -15.17 -12.25 13.30
C LEU C 111 -15.44 -13.68 13.84
N ARG C 112 -14.61 -14.62 13.41
CA ARG C 112 -14.68 -16.01 13.93
C ARG C 112 -14.35 -16.02 15.43
N GLU C 113 -13.19 -15.46 15.80
CA GLU C 113 -12.76 -15.48 17.22
C GLU C 113 -13.75 -14.68 18.06
N LEU C 114 -14.20 -13.53 17.55
CA LEU C 114 -15.16 -12.77 18.38
C LEU C 114 -16.43 -13.60 18.69
N GLU C 115 -17.04 -14.16 17.66
CA GLU C 115 -18.26 -14.98 17.83
C GLU C 115 -18.02 -16.22 18.75
N GLU C 116 -16.89 -16.92 18.60
CA GLU C 116 -16.56 -18.07 19.46
C GLU C 116 -16.41 -17.70 20.91
N GLU C 117 -15.75 -16.56 21.17
CA GLU C 117 -15.30 -16.23 22.49
C GLU C 117 -16.36 -15.48 23.24
N THR C 118 -17.22 -14.75 22.56
CA THR C 118 -18.22 -13.90 23.20
C THR C 118 -19.66 -14.16 22.79
N GLY C 119 -19.89 -14.77 21.61
CA GLY C 119 -21.21 -14.93 21.02
C GLY C 119 -21.73 -13.82 20.15
N TYR C 120 -21.03 -12.67 20.13
CA TYR C 120 -21.46 -11.56 19.34
C TYR C 120 -21.17 -11.75 17.85
N LYS C 121 -22.14 -11.42 17.02
CA LYS C 121 -21.92 -11.28 15.60
C LYS C 121 -21.61 -9.79 15.25
N GLY C 122 -20.40 -9.54 14.77
CA GLY C 122 -19.94 -8.18 14.47
C GLY C 122 -19.70 -7.88 13.01
N ASP C 123 -19.35 -6.63 12.74
CA ASP C 123 -19.10 -6.11 11.40
C ASP C 123 -17.67 -5.48 11.49
N ILE C 124 -16.80 -5.80 10.55
CA ILE C 124 -15.49 -5.21 10.53
C ILE C 124 -15.58 -3.71 10.36
N ALA C 125 -14.85 -2.95 11.16
CA ALA C 125 -14.72 -1.50 10.98
C ALA C 125 -13.36 -1.14 10.37
N GLU C 126 -12.31 -1.71 10.90
CA GLU C 126 -10.93 -1.33 10.51
C GLU C 126 -10.00 -2.49 10.90
N CYS C 127 -8.87 -2.60 10.19
CA CYS C 127 -7.86 -3.61 10.51
C CYS C 127 -6.49 -2.99 10.44
N SER C 128 -5.72 -3.11 11.52
CA SER C 128 -4.38 -2.60 11.58
C SER C 128 -3.43 -3.35 10.64
N PRO C 129 -2.26 -2.73 10.39
CA PRO C 129 -1.10 -3.52 9.89
C PRO C 129 -0.61 -4.51 10.94
N ALA C 130 0.19 -5.50 10.56
CA ALA C 130 0.87 -6.39 11.59
C ALA C 130 1.68 -5.57 12.57
N VAL C 131 1.38 -5.75 13.89
CA VAL C 131 1.97 -4.92 14.99
C VAL C 131 2.59 -5.92 15.98
N CYS C 132 3.77 -5.56 16.52
CA CYS C 132 4.53 -6.46 17.35
C CYS C 132 3.96 -6.48 18.81
N MET C 133 3.97 -7.66 19.38
CA MET C 133 3.56 -7.84 20.80
C MET C 133 4.59 -7.51 21.89
N ASP C 134 5.82 -7.88 21.68
CA ASP C 134 6.84 -7.68 22.72
C ASP C 134 8.19 -7.85 22.03
N PRO C 135 8.62 -6.79 21.32
CA PRO C 135 9.62 -6.99 20.30
C PRO C 135 11.06 -7.21 20.83
N GLY C 136 11.29 -6.85 22.08
CA GLY C 136 12.53 -7.21 22.82
C GLY C 136 12.58 -8.71 23.18
N LEU C 137 11.48 -9.41 23.00
CA LEU C 137 11.40 -10.84 23.33
C LEU C 137 11.06 -11.79 22.28
N SER C 138 10.02 -11.47 21.51
CA SER C 138 9.53 -12.37 20.47
C SER C 138 9.33 -11.60 19.18
N ASN C 139 9.16 -12.36 18.11
CA ASN C 139 8.72 -11.86 16.78
C ASN C 139 7.20 -11.84 16.62
N CYS C 140 6.46 -12.16 17.67
CA CYS C 140 5.01 -12.27 17.58
C CYS C 140 4.30 -11.01 17.16
N THR C 141 3.37 -11.17 16.23
CA THR C 141 2.62 -10.04 15.69
C THR C 141 1.12 -10.38 15.64
N ILE C 142 0.33 -9.30 15.64
CA ILE C 142 -1.10 -9.44 15.42
C ILE C 142 -1.58 -8.37 14.52
N HIS C 143 -2.80 -8.57 13.97
CA HIS C 143 -3.56 -7.47 13.50
C HIS C 143 -4.57 -7.15 14.62
N ILE C 144 -4.68 -5.86 14.88
CA ILE C 144 -5.71 -5.31 15.76
C ILE C 144 -6.88 -4.92 14.83
N VAL C 145 -7.97 -5.64 15.00
CA VAL C 145 -9.19 -5.46 14.19
C VAL C 145 -10.31 -4.85 15.04
N THR C 146 -10.73 -3.66 14.67
CA THR C 146 -11.83 -2.99 15.29
C THR C 146 -13.13 -3.51 14.69
N VAL C 147 -14.06 -3.96 15.58
CA VAL C 147 -15.25 -4.65 15.11
C VAL C 147 -16.45 -4.03 15.77
N THR C 148 -17.48 -3.65 15.03
CA THR C 148 -18.66 -2.99 15.68
C THR C 148 -19.68 -4.13 15.89
N ILE C 149 -20.43 -4.07 16.98
CA ILE C 149 -21.45 -5.03 17.22
C ILE C 149 -22.77 -4.27 17.41
N ASN C 150 -23.77 -4.57 16.60
CA ASN C 150 -25.12 -4.00 16.76
C ASN C 150 -25.82 -4.71 17.88
N GLY C 151 -25.78 -4.06 19.01
CA GLY C 151 -26.37 -4.62 20.22
C GLY C 151 -27.90 -4.64 20.23
N ASP C 152 -28.54 -3.94 19.33
CA ASP C 152 -30.01 -3.89 19.19
C ASP C 152 -30.54 -4.84 18.17
N ASP C 153 -29.68 -5.59 17.49
CA ASP C 153 -30.15 -6.62 16.60
C ASP C 153 -30.50 -7.84 17.41
N ALA C 154 -31.64 -8.45 17.02
CA ALA C 154 -32.16 -9.63 17.69
C ALA C 154 -31.10 -10.75 17.84
N GLU C 155 -30.33 -11.00 16.78
CA GLU C 155 -29.25 -12.03 16.79
C GLU C 155 -28.15 -11.80 17.85
N ASN C 156 -28.00 -10.56 18.31
CA ASN C 156 -27.14 -10.26 19.42
C ASN C 156 -27.83 -10.14 20.78
N ALA C 157 -29.12 -10.48 20.84
CA ALA C 157 -29.86 -10.39 22.09
C ALA C 157 -29.37 -11.34 23.17
N ARG C 158 -29.09 -12.58 22.80
CA ARG C 158 -28.70 -13.56 23.80
C ARG C 158 -27.40 -14.17 23.37
N PRO C 159 -26.33 -13.37 23.26
CA PRO C 159 -25.06 -13.95 22.79
C PRO C 159 -24.57 -15.16 23.61
N LYS C 160 -24.11 -16.22 22.93
CA LYS C 160 -23.57 -17.42 23.61
C LYS C 160 -22.22 -17.79 23.02
N PRO C 161 -21.16 -17.65 23.80
CA PRO C 161 -19.85 -18.09 23.34
C PRO C 161 -20.00 -19.55 22.96
N LYS C 162 -19.30 -19.98 21.91
CA LYS C 162 -19.22 -21.41 21.55
C LYS C 162 -17.73 -21.72 21.50
N PRO C 163 -17.10 -21.87 22.68
CA PRO C 163 -15.64 -21.95 22.71
C PRO C 163 -15.11 -23.28 22.24
N GLY C 164 -13.82 -23.31 21.91
CA GLY C 164 -13.11 -24.58 21.70
C GLY C 164 -13.02 -25.39 22.99
N ASP C 165 -12.80 -26.69 22.85
CA ASP C 165 -12.42 -27.53 23.99
C ASP C 165 -11.08 -27.03 24.59
N GLY C 166 -11.00 -26.95 25.91
CA GLY C 166 -9.87 -26.29 26.56
C GLY C 166 -10.04 -24.77 26.71
N GLU C 167 -10.81 -24.11 25.84
CA GLU C 167 -11.07 -22.68 25.99
C GLU C 167 -12.19 -22.45 27.01
N PHE C 168 -11.91 -21.62 28.01
CA PHE C 168 -12.87 -21.28 29.06
C PHE C 168 -12.87 -19.75 29.22
N VAL C 169 -13.96 -19.12 28.84
CA VAL C 169 -13.96 -17.68 28.60
C VAL C 169 -15.18 -17.09 29.19
N GLU C 170 -14.98 -16.04 29.97
CA GLU C 170 -16.03 -15.24 30.55
C GLU C 170 -15.95 -13.86 29.92
N VAL C 171 -17.11 -13.31 29.62
CA VAL C 171 -17.24 -12.08 28.86
C VAL C 171 -17.57 -11.02 29.84
N ILE C 172 -16.89 -9.88 29.69
CA ILE C 172 -17.11 -8.72 30.47
C ILE C 172 -17.21 -7.49 29.50
N SER C 173 -18.29 -6.74 29.59
CA SER C 173 -18.47 -5.50 28.82
C SER C 173 -18.40 -4.31 29.69
N LEU C 174 -17.56 -3.34 29.31
CA LEU C 174 -17.31 -2.18 30.14
C LEU C 174 -17.54 -0.96 29.29
N PRO C 175 -18.10 0.12 29.85
CA PRO C 175 -18.38 1.32 29.07
C PRO C 175 -17.08 1.99 28.57
N LYS C 176 -17.07 2.28 27.27
CA LYS C 176 -15.92 2.91 26.67
C LYS C 176 -15.54 4.22 27.38
N ASN C 177 -16.56 5.00 27.74
CA ASN C 177 -16.39 6.30 28.39
C ASN C 177 -15.94 6.23 29.88
N ASP C 178 -15.76 5.03 30.43
CA ASP C 178 -15.17 4.89 31.81
C ASP C 178 -14.25 3.65 31.89
N LEU C 179 -13.56 3.29 30.77
CA LEU C 179 -12.90 1.99 30.69
C LEU C 179 -11.83 1.82 31.75
N LEU C 180 -10.96 2.81 31.91
CA LEU C 180 -9.80 2.69 32.75
C LEU C 180 -10.21 2.54 34.21
N GLN C 181 -11.11 3.39 34.67
CA GLN C 181 -11.62 3.31 36.09
C GLN C 181 -12.33 1.98 36.34
N ARG C 182 -13.03 1.48 35.35
CA ARG C 182 -13.69 0.21 35.49
C ARG C 182 -12.75 -0.95 35.46
N LEU C 183 -11.65 -0.84 34.69
CA LEU C 183 -10.62 -1.84 34.71
C LEU C 183 -9.89 -1.85 36.10
N ASP C 184 -9.56 -0.67 36.57
CA ASP C 184 -9.04 -0.46 37.93
C ASP C 184 -9.88 -1.15 38.98
N ALA C 185 -11.19 -0.98 38.89
CA ALA C 185 -12.11 -1.51 39.90
C ALA C 185 -12.26 -3.03 39.83
N LEU C 186 -12.03 -3.64 38.66
CA LEU C 186 -11.94 -5.11 38.58
C LEU C 186 -10.69 -5.68 39.19
N VAL C 187 -9.58 -4.98 38.99
CA VAL C 187 -8.26 -5.32 39.49
C VAL C 187 -8.23 -5.25 41.03
N ALA C 188 -9.01 -4.35 41.61
CA ALA C 188 -9.13 -4.21 43.10
C ALA C 188 -9.90 -5.36 43.72
N GLU C 189 -10.98 -5.78 43.05
CA GLU C 189 -11.87 -6.82 43.56
C GLU C 189 -11.20 -8.23 43.61
N GLU C 190 -10.36 -8.58 42.62
CA GLU C 190 -9.73 -9.92 42.51
C GLU C 190 -8.28 -9.85 42.05
N HIS C 191 -7.56 -10.98 42.12
CA HIS C 191 -6.24 -11.10 41.53
C HIS C 191 -6.49 -11.42 40.06
N LEU C 192 -6.37 -10.38 39.28
CA LEU C 192 -6.34 -10.54 37.84
C LEU C 192 -5.46 -9.50 37.24
N THR C 193 -5.01 -9.80 36.02
CA THR C 193 -4.07 -8.94 35.33
C THR C 193 -4.69 -8.43 34.02
N VAL C 194 -4.64 -7.12 33.77
CA VAL C 194 -5.13 -6.53 32.52
C VAL C 194 -4.03 -6.60 31.47
N ASP C 195 -4.46 -6.93 30.28
CA ASP C 195 -3.59 -6.97 29.13
C ASP C 195 -3.05 -5.54 28.80
N ALA C 196 -1.80 -5.48 28.43
CA ALA C 196 -1.16 -4.18 28.16
C ALA C 196 -1.78 -3.45 26.97
N ARG C 197 -2.24 -4.16 25.95
CA ARG C 197 -2.96 -3.49 24.85
C ARG C 197 -4.27 -2.89 25.33
N VAL C 198 -5.06 -3.66 26.09
CA VAL C 198 -6.29 -3.14 26.66
C VAL C 198 -6.01 -1.90 27.51
N TYR C 199 -4.98 -1.94 28.34
CA TYR C 199 -4.69 -0.85 29.24
C TYR C 199 -4.23 0.41 28.48
N SER C 200 -3.45 0.23 27.43
CA SER C 200 -2.98 1.38 26.60
C SER C 200 -4.19 1.96 25.92
N TYR C 201 -5.11 1.12 25.49
CA TYR C 201 -6.33 1.61 24.85
C TYR C 201 -7.14 2.38 25.83
N ALA C 202 -7.30 1.86 27.03
CA ALA C 202 -7.99 2.64 28.09
C ALA C 202 -7.35 3.96 28.46
N LEU C 203 -6.03 4.00 28.49
CA LEU C 203 -5.33 5.21 28.81
C LEU C 203 -5.58 6.30 27.76
N ALA C 204 -5.45 5.93 26.51
CA ALA C 204 -5.69 6.91 25.44
C ALA C 204 -7.11 7.42 25.49
N LEU C 205 -8.08 6.55 25.81
CA LEU C 205 -9.49 7.01 25.81
C LEU C 205 -9.59 8.11 26.86
N LYS C 206 -8.96 7.89 28.01
CA LYS C 206 -8.92 8.90 29.12
C LYS C 206 -8.17 10.17 28.66
N HIS C 207 -7.05 10.01 27.95
CA HIS C 207 -6.20 11.18 27.56
C HIS C 207 -6.66 11.97 26.35
N ALA C 208 -7.45 11.39 25.45
CA ALA C 208 -7.99 12.20 24.37
C ALA C 208 -8.63 13.29 25.25
N LYS D 15 -11.03 -21.36 40.66
CA LYS D 15 -11.49 -22.46 39.78
C LYS D 15 -10.23 -23.11 39.20
N GLN D 16 -9.54 -22.53 38.20
CA GLN D 16 -8.33 -23.16 37.63
C GLN D 16 -7.03 -22.90 38.43
N TYR D 17 -5.99 -23.75 38.28
CA TYR D 17 -4.69 -23.55 38.95
C TYR D 17 -3.55 -24.25 38.30
N ILE D 18 -2.34 -23.77 38.63
CA ILE D 18 -1.06 -24.33 38.21
C ILE D 18 -0.81 -25.57 39.10
N ILE D 19 -0.61 -26.71 38.46
CA ILE D 19 -0.21 -27.96 39.16
C ILE D 19 1.31 -28.05 39.15
N SER D 20 1.97 -27.81 37.99
CA SER D 20 3.46 -27.81 37.96
C SER D 20 4.08 -27.08 36.79
N GLU D 21 5.36 -26.77 36.95
CA GLU D 21 6.16 -26.04 35.98
C GLU D 21 7.52 -26.75 35.75
N GLU D 22 7.73 -27.34 34.58
CA GLU D 22 8.95 -28.11 34.27
C GLU D 22 9.86 -27.19 33.44
N LEU D 23 11.09 -26.98 33.89
CA LEU D 23 12.06 -26.17 33.18
C LEU D 23 12.41 -26.98 31.96
N ILE D 24 12.28 -26.38 30.77
CA ILE D 24 12.67 -27.05 29.52
C ILE D 24 14.03 -26.54 29.03
N SER D 25 14.22 -25.23 28.96
CA SER D 25 15.51 -24.62 28.50
C SER D 25 15.64 -23.20 29.09
N GLU D 26 16.84 -22.84 29.56
CA GLU D 26 17.11 -21.59 30.27
C GLU D 26 18.41 -20.96 29.78
N GLY D 27 18.35 -19.70 29.32
CA GLY D 27 19.56 -18.92 28.87
C GLY D 27 19.82 -17.79 29.84
N LYS D 28 20.60 -16.80 29.40
CA LYS D 28 20.94 -15.64 30.27
C LYS D 28 19.74 -14.76 30.62
N TRP D 29 18.81 -14.61 29.68
CA TRP D 29 17.70 -13.65 29.76
C TRP D 29 16.27 -14.23 29.73
N VAL D 30 16.11 -15.41 29.11
CA VAL D 30 14.81 -15.98 28.78
C VAL D 30 14.86 -17.49 29.05
N LYS D 31 13.75 -18.03 29.53
CA LYS D 31 13.57 -19.47 29.83
C LYS D 31 12.23 -19.96 29.26
N LEU D 32 12.13 -21.26 28.99
CA LEU D 32 10.99 -21.91 28.43
C LEU D 32 10.58 -23.04 29.37
N GLU D 33 9.28 -23.23 29.56
CA GLU D 33 8.78 -24.18 30.55
C GLU D 33 7.56 -24.87 30.02
N LYS D 34 7.37 -26.12 30.43
CA LYS D 34 6.12 -26.83 30.23
C LYS D 34 5.28 -26.65 31.49
N THR D 35 4.11 -26.03 31.34
CA THR D 35 3.23 -25.77 32.43
C THR D 35 2.11 -26.81 32.47
N THR D 36 1.89 -27.40 33.64
CA THR D 36 0.69 -28.23 33.83
C THR D 36 -0.37 -27.54 34.68
N TYR D 37 -1.65 -27.67 34.32
CA TYR D 37 -2.72 -27.01 35.04
C TYR D 37 -4.08 -27.73 34.98
N MET D 38 -4.96 -27.35 35.89
CA MET D 38 -6.27 -27.91 35.98
C MET D 38 -7.30 -26.98 35.37
N ASP D 39 -7.96 -27.44 34.30
CA ASP D 39 -9.07 -26.70 33.74
C ASP D 39 -10.27 -26.71 34.67
N PRO D 40 -11.31 -25.96 34.35
CA PRO D 40 -12.41 -25.90 35.30
C PRO D 40 -13.16 -27.22 35.40
N THR D 41 -13.32 -27.94 34.28
CA THR D 41 -14.01 -29.27 34.23
C THR D 41 -13.35 -30.29 35.12
N GLY D 42 -12.10 -30.04 35.54
CA GLY D 42 -11.37 -30.89 36.47
C GLY D 42 -10.21 -31.61 35.80
N LYS D 43 -10.13 -31.56 34.48
CA LYS D 43 -9.04 -32.20 33.71
C LYS D 43 -7.66 -31.46 33.69
N THR D 44 -6.58 -32.26 33.74
CA THR D 44 -5.20 -31.81 33.63
C THR D 44 -4.85 -31.43 32.20
N ARG D 45 -4.13 -30.31 31.99
CA ARG D 45 -3.61 -29.95 30.67
C ARG D 45 -2.22 -29.33 30.70
N THR D 46 -1.61 -29.16 29.53
CA THR D 46 -0.29 -28.53 29.48
C THR D 46 -0.24 -27.27 28.59
N TRP D 47 0.88 -26.55 28.68
CA TRP D 47 1.08 -25.28 27.98
C TRP D 47 2.54 -24.98 27.92
N GLU D 48 3.01 -24.37 26.83
CA GLU D 48 4.41 -23.96 26.76
C GLU D 48 4.48 -22.49 27.07
N SER D 49 5.29 -22.16 28.07
CA SER D 49 5.36 -20.81 28.64
C SER D 49 6.75 -20.29 28.67
N VAL D 50 6.86 -18.98 28.44
CA VAL D 50 8.12 -18.31 28.37
C VAL D 50 8.17 -17.35 29.54
N LYS D 51 9.33 -17.21 30.18
CA LYS D 51 9.59 -16.24 31.24
C LYS D 51 10.98 -15.68 31.11
N ARG D 52 11.17 -14.46 31.62
CA ARG D 52 12.50 -13.84 31.70
C ARG D 52 13.17 -14.28 33.01
N THR D 53 14.50 -14.22 33.02
CA THR D 53 15.31 -14.66 34.19
C THR D 53 15.61 -13.56 35.20
N THR D 54 15.13 -12.32 35.03
CA THR D 54 14.77 -11.54 36.26
C THR D 54 13.29 -11.57 36.57
N ALA D 60 7.10 -6.11 38.56
CA ALA D 60 7.04 -6.36 37.13
C ALA D 60 8.39 -6.50 36.44
N ASP D 61 8.43 -6.96 35.19
CA ASP D 61 9.70 -7.05 34.50
C ASP D 61 10.23 -5.66 34.12
N GLY D 62 9.32 -4.84 33.56
CA GLY D 62 9.65 -3.57 32.92
C GLY D 62 8.68 -2.44 33.16
N VAL D 63 9.06 -1.31 32.52
CA VAL D 63 8.21 -0.16 32.40
C VAL D 63 8.15 0.19 30.89
N ALA D 64 7.01 0.72 30.50
CA ALA D 64 6.87 1.43 29.17
C ALA D 64 6.37 2.78 29.51
N VAL D 65 6.90 3.81 28.87
CA VAL D 65 6.58 5.19 29.21
C VAL D 65 5.79 5.80 28.06
N ILE D 66 4.64 6.38 28.40
CA ILE D 66 3.88 7.23 27.46
C ILE D 66 4.25 8.72 27.72
N PRO D 67 5.20 9.25 26.93
CA PRO D 67 5.72 10.58 27.22
C PRO D 67 4.99 11.67 26.37
N VAL D 68 4.25 12.54 27.06
CA VAL D 68 3.49 13.60 26.46
C VAL D 68 4.24 14.96 26.58
N LEU D 69 4.81 15.36 25.47
CA LEU D 69 5.61 16.61 25.34
C LEU D 69 4.65 17.83 25.20
N GLN D 70 4.64 18.67 26.22
CA GLN D 70 3.71 19.81 26.35
C GLN D 70 4.39 21.19 26.31
N ARG D 71 3.89 22.06 25.45
CA ARG D 71 4.43 23.45 25.35
C ARG D 71 3.20 24.36 25.33
N THR D 72 3.12 25.36 26.20
CA THR D 72 2.03 26.35 26.07
C THR D 72 1.87 26.87 24.63
N LEU D 73 0.61 27.19 24.30
CA LEU D 73 0.24 27.75 23.01
C LEU D 73 0.61 26.81 21.88
N HIS D 74 0.62 25.50 22.16
CA HIS D 74 1.03 24.52 21.15
C HIS D 74 0.38 23.16 21.46
N TYR D 75 0.23 22.35 20.42
CA TYR D 75 -0.32 20.98 20.52
C TYR D 75 0.65 20.12 21.32
N GLU D 76 0.16 18.96 21.72
CA GLU D 76 0.95 17.94 22.44
C GLU D 76 1.54 16.96 21.43
N CYS D 77 2.69 16.40 21.76
CA CYS D 77 3.35 15.39 20.93
C CYS D 77 3.61 14.17 21.84
N ILE D 78 3.65 13.02 21.20
CA ILE D 78 3.93 11.73 21.89
C ILE D 78 5.31 11.29 21.41
N VAL D 79 6.19 11.13 22.39
CA VAL D 79 7.56 10.86 22.09
C VAL D 79 7.77 9.37 22.02
N LEU D 80 8.16 8.83 20.86
CA LEU D 80 8.36 7.41 20.66
C LEU D 80 9.80 7.19 20.41
N VAL D 81 10.22 5.92 20.34
CA VAL D 81 11.60 5.55 19.96
C VAL D 81 11.61 4.50 18.93
N LYS D 82 12.59 4.57 18.03
CA LYS D 82 12.85 3.49 17.03
C LYS D 82 14.16 2.85 17.27
N GLN D 83 14.16 1.53 17.16
CA GLN D 83 15.39 0.75 17.37
C GLN D 83 15.28 -0.57 16.71
N PHE D 84 16.42 -1.15 16.34
CA PHE D 84 16.50 -2.52 15.86
C PHE D 84 16.20 -3.51 16.98
N ARG D 85 15.31 -4.48 16.68
CA ARG D 85 14.87 -5.48 17.65
C ARG D 85 15.23 -6.84 17.10
N PRO D 86 16.33 -7.47 17.57
CA PRO D 86 16.75 -8.78 17.08
C PRO D 86 15.68 -9.79 16.99
N PRO D 87 14.77 -9.90 18.00
CA PRO D 87 13.76 -10.90 17.75
C PRO D 87 12.84 -10.63 16.49
N MET D 88 12.68 -9.36 16.12
CA MET D 88 11.79 -8.99 15.00
C MET D 88 12.56 -9.01 13.68
N GLY D 89 13.89 -9.14 13.75
CA GLY D 89 14.65 -8.93 12.54
C GLY D 89 14.56 -7.52 11.93
N GLY D 90 14.16 -6.49 12.67
CA GLY D 90 14.05 -5.18 12.06
C GLY D 90 13.70 -4.14 13.04
N TYR D 91 13.47 -2.93 12.56
CA TYR D 91 13.30 -1.77 13.37
C TYR D 91 11.80 -1.68 13.82
N CYS D 92 11.60 -1.29 15.10
CA CYS D 92 10.34 -1.18 15.70
C CYS D 92 10.22 0.19 16.27
N ILE D 93 9.00 0.69 16.28
CA ILE D 93 8.65 1.98 16.82
C ILE D 93 7.85 1.69 18.08
N GLU D 94 8.38 2.11 19.21
CA GLU D 94 7.81 1.75 20.52
C GLU D 94 7.73 2.91 21.44
N PHE D 95 6.98 2.75 22.55
CA PHE D 95 7.09 3.67 23.64
C PHE D 95 8.49 3.43 24.24
N PRO D 96 9.10 4.47 24.81
CA PRO D 96 10.41 4.21 25.52
C PRO D 96 10.17 3.21 26.65
N ALA D 97 11.13 2.33 26.84
CA ALA D 97 10.91 1.20 27.73
C ALA D 97 12.23 0.71 28.22
N GLY D 98 12.20 0.09 29.40
CA GLY D 98 13.37 -0.75 29.86
C GLY D 98 13.05 -1.62 31.04
N LEU D 99 13.97 -2.52 31.43
CA LEU D 99 13.73 -3.31 32.68
C LEU D 99 13.85 -2.45 33.92
N ILE D 100 13.17 -2.89 34.96
CA ILE D 100 13.21 -2.21 36.24
C ILE D 100 14.43 -2.82 36.94
N ASP D 101 15.28 -1.93 37.46
CA ASP D 101 16.52 -2.31 38.19
C ASP D 101 16.12 -2.83 39.60
N ASP D 102 16.90 -3.76 40.19
CA ASP D 102 16.67 -4.18 41.62
C ASP D 102 16.56 -2.99 42.58
N GLY D 103 15.48 -2.91 43.36
CA GLY D 103 15.29 -1.80 44.36
C GLY D 103 14.54 -0.54 43.90
N GLU D 104 14.70 -0.24 42.61
CA GLU D 104 14.13 0.91 41.93
C GLU D 104 12.63 0.79 41.76
N THR D 105 11.92 1.90 41.97
CA THR D 105 10.48 1.92 41.88
C THR D 105 10.11 2.00 40.35
N PRO D 106 8.86 1.66 39.99
CA PRO D 106 8.51 1.79 38.54
C PRO D 106 8.57 3.26 38.05
N GLU D 107 8.10 4.19 38.88
CA GLU D 107 8.12 5.61 38.52
C GLU D 107 9.52 6.05 38.25
N ALA D 108 10.47 5.67 39.09
CA ALA D 108 11.84 6.11 38.94
C ALA D 108 12.41 5.44 37.72
N ALA D 109 12.09 4.16 37.47
CA ALA D 109 12.61 3.53 36.28
C ALA D 109 12.07 4.20 34.97
N ALA D 110 10.85 4.67 35.04
CA ALA D 110 10.25 5.31 33.85
C ALA D 110 11.00 6.63 33.63
N LEU D 111 11.16 7.44 34.67
CA LEU D 111 11.91 8.75 34.45
C LEU D 111 13.34 8.45 33.99
N ARG D 112 13.95 7.42 34.54
CA ARG D 112 15.32 7.11 34.12
C ARG D 112 15.39 6.67 32.73
N GLU D 113 14.52 5.75 32.39
CA GLU D 113 14.46 5.21 31.03
C GLU D 113 14.04 6.28 30.01
N LEU D 114 13.11 7.13 30.34
CA LEU D 114 12.74 8.21 29.37
C LEU D 114 13.98 9.11 29.11
N GLU D 115 14.66 9.51 30.19
CA GLU D 115 15.91 10.31 30.07
C GLU D 115 17.01 9.58 29.29
N GLU D 116 17.25 8.32 29.55
CA GLU D 116 18.30 7.62 28.80
C GLU D 116 18.03 7.53 27.31
N GLU D 117 16.78 7.19 26.93
CA GLU D 117 16.48 6.87 25.56
C GLU D 117 16.06 8.13 24.79
N THR D 118 15.59 9.16 25.49
CA THR D 118 15.20 10.39 24.82
C THR D 118 15.89 11.68 25.18
N GLY D 119 16.44 11.82 26.37
CA GLY D 119 17.00 13.08 26.85
C GLY D 119 16.01 13.82 27.73
N TYR D 120 14.70 13.59 27.57
CA TYR D 120 13.76 14.36 28.32
C TYR D 120 13.67 14.07 29.83
N LYS D 121 13.26 15.09 30.59
CA LYS D 121 13.16 15.09 32.04
C LYS D 121 11.70 15.27 32.30
N GLY D 122 11.02 14.16 32.69
CA GLY D 122 9.59 14.12 32.84
C GLY D 122 9.12 14.35 34.22
N ASP D 123 7.82 14.53 34.34
CA ASP D 123 7.07 14.51 35.57
C ASP D 123 6.07 13.32 35.49
N ILE D 124 5.93 12.57 36.60
CA ILE D 124 4.99 11.46 36.63
C ILE D 124 3.57 11.98 36.67
N ALA D 125 2.71 11.49 35.76
CA ALA D 125 1.27 11.78 35.74
C ALA D 125 0.49 10.62 36.38
N GLU D 126 0.85 9.38 36.05
CA GLU D 126 0.15 8.18 36.59
C GLU D 126 0.95 6.93 36.26
N CYS D 127 0.62 5.86 36.96
CA CYS D 127 1.32 4.61 36.81
C CYS D 127 0.34 3.44 36.88
N SER D 128 0.37 2.57 35.89
CA SER D 128 -0.55 1.40 35.86
C SER D 128 -0.11 0.36 36.88
N PRO D 129 -1.02 -0.54 37.24
CA PRO D 129 -0.59 -1.79 37.82
C PRO D 129 0.19 -2.63 36.81
N ALA D 130 0.74 -3.74 37.25
CA ALA D 130 1.47 -4.54 36.31
C ALA D 130 0.47 -5.14 35.30
N VAL D 131 0.84 -5.05 34.00
CA VAL D 131 -0.05 -5.45 32.92
C VAL D 131 0.76 -6.45 32.05
N CYS D 132 0.08 -7.41 31.41
CA CYS D 132 0.74 -8.50 30.77
C CYS D 132 0.99 -8.17 29.31
N MET D 133 2.18 -8.56 28.88
CA MET D 133 2.58 -8.37 27.48
C MET D 133 1.97 -9.31 26.46
N ASP D 134 1.94 -10.62 26.75
CA ASP D 134 1.44 -11.57 25.87
C ASP D 134 1.10 -12.81 26.68
N PRO D 135 -0.07 -12.81 27.34
CA PRO D 135 -0.27 -13.74 28.43
C PRO D 135 -0.51 -15.13 27.94
N GLY D 136 -0.86 -15.33 26.65
CA GLY D 136 -0.95 -16.68 26.11
C GLY D 136 0.44 -17.30 25.79
N LEU D 137 1.50 -16.49 25.94
CA LEU D 137 2.86 -16.92 25.62
C LEU D 137 3.81 -16.83 26.80
N SER D 138 3.89 -15.70 27.48
CA SER D 138 4.88 -15.42 28.53
C SER D 138 4.23 -14.86 29.76
N ASN D 139 5.00 -14.77 30.86
CA ASN D 139 4.49 -14.21 32.08
C ASN D 139 4.90 -12.77 32.15
N CYS D 140 5.46 -12.20 31.07
CA CYS D 140 6.12 -10.90 31.22
C CYS D 140 5.07 -9.82 31.47
N THR D 141 5.43 -8.89 32.37
CA THR D 141 4.60 -7.75 32.69
C THR D 141 5.38 -6.45 32.66
N ILE D 142 4.65 -5.37 32.53
CA ILE D 142 5.19 -4.03 32.69
C ILE D 142 4.26 -3.16 33.52
N HIS D 143 4.79 -2.01 33.98
CA HIS D 143 3.93 -0.89 34.38
C HIS D 143 4.01 0.07 33.19
N ILE D 144 2.85 0.59 32.82
CA ILE D 144 2.77 1.65 31.79
C ILE D 144 2.69 2.92 32.58
N VAL D 145 3.64 3.84 32.32
CA VAL D 145 3.76 4.99 33.11
C VAL D 145 3.60 6.18 32.21
N THR D 146 2.59 6.99 32.52
CA THR D 146 2.28 8.19 31.71
C THR D 146 3.12 9.32 32.30
N VAL D 147 3.87 10.02 31.43
CA VAL D 147 4.84 11.05 31.89
C VAL D 147 4.69 12.34 31.06
N THR D 148 4.44 13.46 31.72
CA THR D 148 4.33 14.78 31.02
C THR D 148 5.70 15.42 30.98
N ILE D 149 6.05 16.07 29.88
CA ILE D 149 7.37 16.65 29.68
C ILE D 149 7.11 18.11 29.46
N ASN D 150 7.68 18.95 30.32
CA ASN D 150 7.40 20.41 30.29
C ASN D 150 8.39 20.94 29.27
N GLY D 151 7.98 20.93 27.98
CA GLY D 151 8.82 21.43 26.93
C GLY D 151 9.14 22.95 27.01
N ASP D 152 8.48 23.71 27.90
CA ASP D 152 8.84 25.13 28.20
C ASP D 152 9.90 25.28 29.31
N ASP D 153 10.61 24.19 29.63
CA ASP D 153 11.74 24.25 30.56
C ASP D 153 13.00 24.10 29.76
N ALA D 154 13.99 24.89 30.21
CA ALA D 154 15.30 24.97 29.54
C ALA D 154 15.94 23.56 29.42
N GLU D 155 15.83 22.75 30.49
CA GLU D 155 16.36 21.38 30.53
C GLU D 155 15.80 20.49 29.43
N ASN D 156 14.60 20.81 28.92
CA ASN D 156 13.96 20.11 27.78
C ASN D 156 13.91 20.94 26.49
N ALA D 157 14.78 21.94 26.36
CA ALA D 157 14.81 22.77 25.17
C ALA D 157 15.22 21.92 23.96
N ARG D 158 16.34 21.20 24.09
CA ARG D 158 16.89 20.38 22.97
C ARG D 158 17.80 19.28 23.51
N PRO D 159 17.30 18.50 24.50
CA PRO D 159 18.10 17.43 25.16
C PRO D 159 18.41 16.29 24.20
N LYS D 160 19.43 15.46 24.52
CA LYS D 160 19.85 14.28 23.70
C LYS D 160 20.02 13.00 24.57
N PRO D 161 19.78 11.82 23.97
CA PRO D 161 19.74 10.59 24.75
C PRO D 161 21.14 10.19 25.26
N LYS D 162 21.22 9.63 26.48
CA LYS D 162 22.44 8.96 26.96
C LYS D 162 22.27 7.42 26.98
N PRO D 163 22.57 6.75 25.85
CA PRO D 163 22.44 5.29 25.83
C PRO D 163 23.52 4.55 26.63
N GLY D 164 23.17 3.33 27.07
CA GLY D 164 24.16 2.34 27.53
C GLY D 164 24.89 1.74 26.33
N ASP D 165 25.85 0.83 26.61
CA ASP D 165 26.64 0.17 25.56
C ASP D 165 25.66 -0.74 24.86
N GLY D 166 25.71 -0.74 23.53
CA GLY D 166 24.78 -1.55 22.75
C GLY D 166 23.32 -1.13 22.69
N GLU D 167 22.98 0.07 23.19
CA GLU D 167 21.61 0.61 23.09
C GLU D 167 21.68 1.69 22.00
N PHE D 168 20.93 1.50 20.92
CA PHE D 168 20.97 2.37 19.72
C PHE D 168 19.55 2.81 19.40
N VAL D 169 19.18 4.02 19.80
CA VAL D 169 17.76 4.45 19.73
C VAL D 169 17.61 5.77 18.98
N GLU D 170 16.66 5.86 18.02
CA GLU D 170 16.26 7.15 17.37
C GLU D 170 14.97 7.65 18.07
N VAL D 171 14.92 8.94 18.44
CA VAL D 171 13.72 9.57 19.01
C VAL D 171 12.82 9.91 17.81
N ILE D 172 11.50 9.72 18.00
CA ILE D 172 10.45 10.01 16.95
C ILE D 172 9.29 10.63 17.67
N SER D 173 9.19 11.94 17.56
CA SER D 173 8.14 12.70 18.20
C SER D 173 6.99 12.93 17.19
N LEU D 174 5.77 12.46 17.51
CA LEU D 174 4.61 12.54 16.58
C LEU D 174 3.52 13.33 17.23
N PRO D 175 2.83 14.14 16.42
CA PRO D 175 1.71 14.89 17.00
C PRO D 175 0.64 13.92 17.54
N LYS D 176 0.25 14.12 18.77
CA LYS D 176 -0.78 13.37 19.43
C LYS D 176 -2.12 13.35 18.58
N ASN D 177 -2.41 14.50 18.04
CA ASN D 177 -3.66 14.72 17.28
C ASN D 177 -3.77 13.97 15.98
N ASP D 178 -2.69 13.41 15.48
CA ASP D 178 -2.80 12.67 14.26
C ASP D 178 -1.96 11.44 14.32
N LEU D 179 -1.86 10.88 15.51
CA LEU D 179 -0.94 9.79 15.76
C LEU D 179 -1.16 8.58 14.93
N LEU D 180 -2.42 8.16 14.78
CA LEU D 180 -2.69 6.93 14.16
C LEU D 180 -2.28 7.01 12.66
N GLN D 181 -2.59 8.17 12.05
CA GLN D 181 -2.36 8.40 10.59
C GLN D 181 -0.82 8.46 10.36
N ARG D 182 -0.14 9.15 11.26
CA ARG D 182 1.33 9.23 11.17
C ARG D 182 1.96 7.87 11.24
N LEU D 183 1.48 7.03 12.14
CA LEU D 183 1.95 5.66 12.24
C LEU D 183 1.69 4.86 11.02
N ASP D 184 0.44 4.92 10.54
CA ASP D 184 0.10 4.25 9.31
C ASP D 184 0.99 4.67 8.12
N ALA D 185 1.29 5.96 8.04
CA ALA D 185 2.13 6.47 6.99
C ALA D 185 3.57 5.96 7.08
N LEU D 186 4.13 5.91 8.31
CA LEU D 186 5.46 5.32 8.52
C LEU D 186 5.54 3.88 8.01
N VAL D 187 4.51 3.11 8.30
CA VAL D 187 4.40 1.73 7.96
C VAL D 187 4.24 1.51 6.47
N ALA D 188 3.60 2.47 5.80
CA ALA D 188 3.34 2.31 4.40
C ALA D 188 4.65 2.55 3.61
N GLU D 189 5.53 3.35 4.20
CA GLU D 189 6.70 3.87 3.48
C GLU D 189 8.01 3.22 3.89
N GLU D 190 8.11 2.76 5.15
CA GLU D 190 9.38 2.27 5.71
C GLU D 190 9.34 0.86 6.24
N HIS D 191 10.54 0.24 6.28
CA HIS D 191 10.72 -1.12 6.63
C HIS D 191 10.73 -1.01 8.16
N LEU D 192 9.55 -1.04 8.74
CA LEU D 192 9.52 -1.01 10.22
C LEU D 192 8.20 -1.60 10.71
N THR D 193 8.14 -1.88 12.01
CA THR D 193 6.94 -2.39 12.66
C THR D 193 6.53 -1.50 13.84
N VAL D 194 5.23 -1.18 13.94
CA VAL D 194 4.77 -0.42 15.08
C VAL D 194 4.36 -1.46 16.13
N ASP D 195 4.61 -1.10 17.37
CA ASP D 195 4.26 -1.87 18.53
C ASP D 195 2.78 -1.81 18.74
N ALA D 196 2.24 -2.93 19.16
CA ALA D 196 0.82 -3.07 19.46
C ALA D 196 0.25 -2.18 20.53
N ARG D 197 1.05 -1.83 21.53
N ARG D 197 1.04 -1.91 21.59
CA ARG D 197 0.56 -0.96 22.58
CA ARG D 197 0.64 -0.95 22.64
C ARG D 197 0.56 0.51 22.13
C ARG D 197 0.48 0.44 22.02
N VAL D 198 1.49 0.86 21.25
CA VAL D 198 1.48 2.21 20.64
C VAL D 198 0.23 2.29 19.68
N TYR D 199 0.00 1.22 18.90
CA TYR D 199 -1.09 1.22 17.93
C TYR D 199 -2.44 1.28 18.65
N SER D 200 -2.55 0.53 19.74
CA SER D 200 -3.80 0.55 20.56
C SER D 200 -4.00 1.89 21.13
N TYR D 201 -2.95 2.53 21.67
CA TYR D 201 -3.03 3.93 22.14
C TYR D 201 -3.58 4.84 21.04
N ALA D 202 -2.95 4.76 19.87
CA ALA D 202 -3.32 5.62 18.74
C ALA D 202 -4.81 5.43 18.27
N LEU D 203 -5.22 4.20 18.22
CA LEU D 203 -6.62 3.83 17.91
C LEU D 203 -7.60 4.47 18.83
N ALA D 204 -7.35 4.26 20.11
CA ALA D 204 -8.22 4.88 21.12
C ALA D 204 -8.36 6.42 21.10
N LEU D 205 -7.31 7.12 20.65
CA LEU D 205 -7.39 8.58 20.49
C LEU D 205 -8.45 8.96 19.46
N LYS D 206 -8.63 8.09 18.49
CA LYS D 206 -9.65 8.27 17.52
C LYS D 206 -10.98 7.80 18.00
N HIS D 207 -10.98 6.67 18.70
CA HIS D 207 -12.25 6.05 19.11
C HIS D 207 -12.97 6.76 20.20
N ALA D 208 -12.22 7.50 21.02
CA ALA D 208 -12.75 8.32 22.07
C ALA D 208 -13.88 9.27 21.69
N ASN D 209 -14.85 9.44 22.57
CA ASN D 209 -16.09 10.21 22.26
C ASN D 209 -16.93 9.53 21.18
MG MG E . 6.68 16.98 -19.39
MG MG F . 9.48 18.85 -19.47
N1 K3V G . -10.38 8.21 -37.54
C4 K3V G . -12.08 6.73 -39.18
C5 K3V G . -11.25 7.84 -39.62
C6 K3V G . -11.10 7.15 -36.91
C7 K3V G . -12.04 6.38 -37.79
C8 K3V G . -12.93 5.31 -37.35
N K3V G . -10.45 8.54 -38.82
C K3V G . -14.36 2.35 -38.43
O K3V G . -14.65 3.64 -37.87
C1 K3V G . -13.79 4.67 -38.30
C2 K3V G . -13.80 5.04 -39.68
C3 K3V G . -12.95 6.06 -40.11
C9 K3V G . -13.60 5.66 -35.05
O1 K3V G . -10.84 7.00 -35.73
O2 K3V G . -12.95 4.83 -36.05
C1 EDO H . 4.04 12.91 -25.73
O1 EDO H . 3.32 11.67 -25.55
C2 EDO H . 5.01 12.72 -26.87
O2 EDO H . 4.19 12.49 -27.99
CL CL I . -6.91 -11.10 -13.96
C1 EDO J . -10.53 -21.47 -15.67
O1 EDO J . -11.26 -20.40 -16.33
C2 EDO J . -10.40 -22.74 -16.54
O2 EDO J . -9.77 -22.48 -17.83
MG MG K . -10.37 -1.60 -32.49
MG MG L . -13.43 -2.96 -32.74
N1 K3V M . 1.02 21.72 -27.60
C4 K3V M . 2.50 23.92 -26.77
C5 K3V M . 1.20 23.98 -27.37
C6 K3V M . 2.33 21.42 -27.02
C7 K3V M . 3.10 22.63 -26.60
C8 K3V M . 4.37 22.56 -25.99
N K3V M . 0.51 22.94 -27.75
C K3V M . 6.62 24.40 -23.89
O K3V M . 6.31 23.66 -25.10
C1 K3V M . 5.03 23.75 -25.62
C2 K3V M . 4.41 25.03 -25.79
C3 K3V M . 3.15 25.11 -26.37
C9 K3V M . 5.65 20.70 -26.73
O1 K3V M . 2.64 20.24 -26.92
O2 K3V M . 4.98 21.34 -25.65
C1 EDO N . -25.65 -7.35 12.29
O1 EDO N . -25.95 -7.29 13.70
C2 EDO N . -26.00 -6.06 11.57
O2 EDO N . -25.01 -5.04 11.81
MG MG O . -8.28 -18.12 21.04
MG MG P . -8.37 -16.59 22.47
N1 K3V Q . 0.87 -22.45 23.83
C4 K3V Q . -0.97 -24.53 23.63
C5 K3V Q . 0.29 -24.62 24.31
C6 K3V Q . -0.35 -22.14 23.11
C7 K3V Q . -1.31 -23.28 23.01
C8 K3V Q . -2.56 -23.17 22.36
N K3V Q . 1.16 -23.65 24.39
C K3V Q . -5.02 -24.95 20.62
O K3V Q . -4.67 -24.08 21.70
C1 K3V Q . -3.45 -24.26 22.32
C2 K3V Q . -3.10 -25.51 22.94
C3 K3V Q . -1.86 -25.63 23.60
C9 K3V Q . -2.72 -21.84 20.40
O1 K3V Q . -0.50 -20.99 22.70
O2 K3V Q . -2.98 -21.98 21.79
N1 K3V R . 17.04 -10.42 25.70
C4 K3V R . 19.60 -9.36 25.87
C5 K3V R . 19.26 -10.60 25.21
C6 K3V R . 17.17 -9.17 26.43
C7 K3V R . 18.55 -8.63 26.51
C8 K3V R . 18.86 -7.38 27.15
N K3V R . 18.04 -11.09 25.11
C K3V R . 21.77 -5.65 28.50
O K3V R . 20.58 -5.69 27.67
C1 K3V R . 20.22 -6.89 27.07
C2 K3V R . 21.22 -7.65 26.38
C3 K3V R . 20.91 -8.87 25.81
C9 K3V R . 17.76 -5.31 27.84
O1 K3V R . 16.14 -8.69 26.87
O2 K3V R . 17.87 -6.74 27.90
C1 EDO S . 9.11 -6.22 28.76
O1 EDO S . 8.29 -6.00 27.61
C2 EDO S . 8.83 -7.65 29.17
O2 EDO S . 9.24 -8.61 28.16
MG MG T . 14.58 0.25 26.01
MG MG U . 16.01 -0.19 27.58
C1 EDO V . -0.50 -13.91 20.04
O1 EDO V . -0.70 -12.75 20.86
C2 EDO V . 0.96 -13.91 19.60
O2 EDO V . 1.79 -14.53 20.63
#